data_2EQR
#
_entry.id   2EQR
#
_entity_poly.entity_id   1
_entity_poly.type   'polypeptide(L)'
_entity_poly.pdbx_seq_one_letter_code
;GSSGSSGDRQFMNVWTDHEKEIFKDKFIQHPKNFGLIASYLERKSVPDCVLYYYLTKKNEN
;
_entity_poly.pdbx_strand_id   A
#
# COMPACT_ATOMS: atom_id res chain seq x y z
N GLY A 1 19.81 -15.10 1.05
CA GLY A 1 19.31 -14.25 2.11
C GLY A 1 19.63 -14.78 3.48
N SER A 2 20.88 -14.61 3.90
CA SER A 2 21.32 -15.09 5.21
C SER A 2 21.16 -14.00 6.27
N SER A 3 21.73 -12.83 5.99
CA SER A 3 21.65 -11.71 6.91
C SER A 3 20.22 -11.16 7.00
N GLY A 4 19.63 -11.29 8.18
CA GLY A 4 18.27 -10.82 8.38
C GLY A 4 18.16 -9.30 8.29
N SER A 5 18.67 -8.60 9.30
CA SER A 5 18.62 -7.15 9.32
C SER A 5 19.98 -6.56 8.96
N SER A 6 20.15 -6.21 7.69
CA SER A 6 21.40 -5.64 7.21
C SER A 6 21.65 -4.27 7.84
N GLY A 7 20.63 -3.42 7.80
CA GLY A 7 20.77 -2.09 8.38
C GLY A 7 19.60 -1.19 8.01
N ASP A 8 19.74 -0.48 6.89
CA ASP A 8 18.69 0.42 6.43
C ASP A 8 18.15 1.27 7.59
N ARG A 9 19.06 1.73 8.44
CA ARG A 9 18.67 2.55 9.59
C ARG A 9 18.02 3.85 9.14
N GLN A 10 18.37 4.29 7.94
CA GLN A 10 17.83 5.53 7.40
C GLN A 10 16.32 5.42 7.19
N PHE A 11 15.59 6.45 7.61
CA PHE A 11 14.14 6.46 7.48
C PHE A 11 13.73 6.51 6.01
N MET A 12 13.20 5.39 5.51
CA MET A 12 12.77 5.31 4.12
C MET A 12 11.25 5.17 4.03
N ASN A 13 10.59 6.19 3.51
CA ASN A 13 9.14 6.17 3.37
C ASN A 13 8.73 6.03 1.91
N VAL A 14 8.80 4.80 1.39
CA VAL A 14 8.44 4.53 0.01
C VAL A 14 7.99 3.09 -0.17
N TRP A 15 6.89 2.91 -0.90
CA TRP A 15 6.35 1.57 -1.14
C TRP A 15 7.40 0.67 -1.78
N THR A 16 7.75 -0.41 -1.09
CA THR A 16 8.74 -1.35 -1.57
C THR A 16 8.11 -2.70 -1.89
N ASP A 17 8.82 -3.51 -2.67
CA ASP A 17 8.34 -4.84 -3.04
C ASP A 17 7.77 -5.57 -1.84
N HIS A 18 8.58 -5.71 -0.80
CA HIS A 18 8.16 -6.40 0.42
C HIS A 18 6.80 -5.89 0.89
N GLU A 19 6.62 -4.57 0.85
CA GLU A 19 5.36 -3.96 1.28
C GLU A 19 4.22 -4.38 0.35
N LYS A 20 4.38 -4.10 -0.94
CA LYS A 20 3.36 -4.45 -1.93
C LYS A 20 2.86 -5.87 -1.72
N GLU A 21 3.78 -6.81 -1.62
CA GLU A 21 3.43 -8.22 -1.41
C GLU A 21 2.45 -8.36 -0.25
N ILE A 22 2.71 -7.64 0.83
CA ILE A 22 1.85 -7.68 2.00
C ILE A 22 0.49 -7.05 1.71
N PHE A 23 0.51 -5.92 1.02
CA PHE A 23 -0.73 -5.21 0.69
C PHE A 23 -1.70 -6.14 -0.02
N LYS A 24 -1.18 -7.00 -0.88
CA LYS A 24 -2.02 -7.95 -1.62
C LYS A 24 -2.31 -9.19 -0.78
N ASP A 25 -1.28 -9.72 -0.14
CA ASP A 25 -1.42 -10.90 0.70
C ASP A 25 -2.74 -10.86 1.48
N LYS A 26 -2.93 -9.79 2.24
CA LYS A 26 -4.14 -9.62 3.03
C LYS A 26 -5.35 -9.34 2.13
N PHE A 27 -5.19 -8.39 1.22
CA PHE A 27 -6.25 -8.03 0.29
C PHE A 27 -7.07 -9.25 -0.11
N ILE A 28 -6.38 -10.29 -0.58
CA ILE A 28 -7.03 -11.52 -0.99
C ILE A 28 -7.99 -12.03 0.08
N GLN A 29 -7.49 -12.11 1.31
CA GLN A 29 -8.30 -12.58 2.43
C GLN A 29 -9.34 -11.54 2.82
N HIS A 30 -8.88 -10.40 3.32
CA HIS A 30 -9.78 -9.32 3.74
C HIS A 30 -9.71 -8.16 2.75
N PRO A 31 -10.37 -8.32 1.59
CA PRO A 31 -10.39 -7.29 0.55
C PRO A 31 -11.22 -6.07 0.97
N LYS A 32 -10.83 -4.90 0.46
CA LYS A 32 -11.54 -3.66 0.78
C LYS A 32 -11.48 -3.37 2.27
N ASN A 33 -10.43 -3.86 2.93
CA ASN A 33 -10.27 -3.65 4.36
C ASN A 33 -8.91 -3.03 4.67
N PHE A 34 -8.85 -1.69 4.63
CA PHE A 34 -7.62 -0.97 4.91
C PHE A 34 -7.31 -0.97 6.40
N GLY A 35 -8.32 -1.24 7.21
CA GLY A 35 -8.14 -1.26 8.65
C GLY A 35 -7.16 -2.33 9.10
N LEU A 36 -7.12 -3.44 8.37
CA LEU A 36 -6.21 -4.54 8.69
C LEU A 36 -4.89 -4.38 7.96
N ILE A 37 -4.94 -4.43 6.63
CA ILE A 37 -3.74 -4.29 5.82
C ILE A 37 -2.81 -3.23 6.38
N ALA A 38 -3.39 -2.20 6.99
CA ALA A 38 -2.61 -1.12 7.57
C ALA A 38 -2.06 -1.51 8.94
N SER A 39 -2.87 -2.24 9.71
CA SER A 39 -2.46 -2.69 11.03
C SER A 39 -1.12 -3.41 10.98
N TYR A 40 -0.93 -4.22 9.96
CA TYR A 40 0.31 -4.97 9.79
C TYR A 40 1.46 -4.05 9.40
N LEU A 41 1.19 -3.14 8.48
CA LEU A 41 2.20 -2.19 8.02
C LEU A 41 2.26 -0.97 8.92
N GLU A 42 2.92 -1.13 10.07
CA GLU A 42 3.04 -0.04 11.04
C GLU A 42 3.61 1.22 10.37
N ARG A 43 4.64 1.03 9.55
CA ARG A 43 5.27 2.14 8.85
C ARG A 43 4.23 2.97 8.09
N LYS A 44 3.14 2.32 7.71
CA LYS A 44 2.06 2.99 6.99
C LYS A 44 0.80 3.10 7.84
N SER A 45 -0.08 4.02 7.48
CA SER A 45 -1.33 4.22 8.21
C SER A 45 -2.51 3.67 7.42
N VAL A 46 -3.70 3.77 8.00
CA VAL A 46 -4.91 3.27 7.37
C VAL A 46 -5.22 4.08 6.11
N PRO A 47 -5.38 5.41 6.27
CA PRO A 47 -5.70 6.31 5.16
C PRO A 47 -4.51 6.47 4.21
N ASP A 48 -3.41 5.78 4.51
CA ASP A 48 -2.22 5.86 3.68
C ASP A 48 -2.26 4.80 2.59
N CYS A 49 -2.82 3.64 2.90
CA CYS A 49 -2.91 2.53 1.95
C CYS A 49 -4.09 2.74 1.01
N VAL A 50 -5.21 3.22 1.55
CA VAL A 50 -6.40 3.46 0.76
C VAL A 50 -6.05 4.04 -0.61
N LEU A 51 -5.00 4.85 -0.66
CA LEU A 51 -4.55 5.46 -1.90
C LEU A 51 -4.12 4.40 -2.91
N TYR A 52 -3.18 3.55 -2.49
CA TYR A 52 -2.68 2.49 -3.36
C TYR A 52 -3.82 1.83 -4.13
N TYR A 53 -4.84 1.40 -3.40
CA TYR A 53 -6.00 0.75 -4.03
C TYR A 53 -6.44 1.51 -5.27
N TYR A 54 -6.36 2.83 -5.21
CA TYR A 54 -6.76 3.68 -6.32
C TYR A 54 -5.68 3.70 -7.41
N LEU A 55 -4.44 3.93 -7.00
CA LEU A 55 -3.33 3.97 -7.94
C LEU A 55 -3.34 2.75 -8.85
N THR A 56 -3.49 1.58 -8.26
CA THR A 56 -3.52 0.33 -9.02
C THR A 56 -4.80 0.22 -9.84
N LYS A 57 -5.84 0.92 -9.40
CA LYS A 57 -7.12 0.90 -10.09
C LYS A 57 -7.45 2.28 -10.66
N LYS A 58 -6.47 2.91 -11.28
CA LYS A 58 -6.65 4.23 -11.87
C LYS A 58 -6.74 4.15 -13.39
N ASN A 59 -7.93 4.39 -13.93
CA ASN A 59 -8.14 4.33 -15.37
C ASN A 59 -8.64 5.67 -15.90
N GLU A 60 -8.64 5.82 -17.21
CA GLU A 60 -9.09 7.06 -17.85
C GLU A 60 -10.53 6.94 -18.34
N ASN A 61 -11.47 7.47 -17.57
CA ASN A 61 -12.88 7.42 -17.93
C ASN A 61 -13.25 8.58 -18.85
N GLY A 1 14.61 23.35 -5.43
CA GLY A 1 14.46 22.25 -4.49
C GLY A 1 14.08 20.95 -5.19
N SER A 2 15.08 20.19 -5.60
CA SER A 2 14.84 18.93 -6.28
C SER A 2 15.83 17.86 -5.82
N SER A 3 15.32 16.87 -5.09
CA SER A 3 16.16 15.79 -4.57
C SER A 3 15.46 14.44 -4.72
N GLY A 4 16.17 13.46 -5.26
CA GLY A 4 15.59 12.14 -5.44
C GLY A 4 16.57 11.03 -5.07
N SER A 5 16.23 10.29 -4.02
CA SER A 5 17.08 9.20 -3.56
C SER A 5 16.30 8.24 -2.67
N SER A 6 16.31 6.96 -3.04
CA SER A 6 15.59 5.94 -2.29
C SER A 6 16.18 5.79 -0.88
N GLY A 7 15.31 5.57 0.10
CA GLY A 7 15.76 5.41 1.47
C GLY A 7 14.89 4.46 2.26
N ASP A 8 15.51 3.40 2.79
CA ASP A 8 14.77 2.42 3.58
C ASP A 8 14.98 2.65 5.07
N ARG A 9 14.94 3.91 5.47
CA ARG A 9 15.12 4.28 6.88
C ARG A 9 13.84 4.02 7.67
N GLN A 10 13.95 4.09 8.99
CA GLN A 10 12.81 3.86 9.86
C GLN A 10 11.58 4.64 9.38
N PHE A 11 11.81 5.90 9.00
CA PHE A 11 10.73 6.75 8.51
C PHE A 11 9.83 6.00 7.54
N MET A 12 8.62 6.50 7.36
CA MET A 12 7.66 5.87 6.45
C MET A 12 8.33 5.46 5.15
N ASN A 13 7.72 4.50 4.45
CA ASN A 13 8.26 4.02 3.19
C ASN A 13 7.21 4.07 2.09
N VAL A 14 7.63 3.80 0.86
CA VAL A 14 6.73 3.81 -0.28
C VAL A 14 6.64 2.44 -0.94
N TRP A 15 5.44 2.05 -1.34
CA TRP A 15 5.23 0.77 -1.99
C TRP A 15 6.27 0.53 -3.08
N THR A 16 7.20 -0.38 -2.82
CA THR A 16 8.25 -0.71 -3.77
C THR A 16 8.18 -2.18 -4.18
N ASP A 17 8.61 -3.06 -3.29
CA ASP A 17 8.61 -4.49 -3.55
C ASP A 17 7.87 -5.24 -2.46
N HIS A 18 8.44 -5.23 -1.25
CA HIS A 18 7.83 -5.91 -0.11
C HIS A 18 6.43 -5.38 0.16
N GLU A 19 6.32 -4.08 0.40
CA GLU A 19 5.04 -3.46 0.67
C GLU A 19 3.99 -3.89 -0.35
N LYS A 20 4.40 -3.96 -1.62
CA LYS A 20 3.49 -4.37 -2.69
C LYS A 20 2.95 -5.77 -2.43
N GLU A 21 3.85 -6.72 -2.21
CA GLU A 21 3.46 -8.10 -1.95
C GLU A 21 2.56 -8.19 -0.73
N ILE A 22 3.03 -7.65 0.40
CA ILE A 22 2.26 -7.67 1.63
C ILE A 22 0.79 -7.33 1.37
N PHE A 23 0.55 -6.14 0.83
CA PHE A 23 -0.81 -5.69 0.53
C PHE A 23 -1.61 -6.80 -0.15
N LYS A 24 -1.01 -7.41 -1.18
CA LYS A 24 -1.65 -8.48 -1.92
C LYS A 24 -2.16 -9.56 -0.98
N ASP A 25 -1.25 -10.15 -0.21
CA ASP A 25 -1.60 -11.19 0.74
C ASP A 25 -2.67 -10.72 1.70
N LYS A 26 -2.46 -9.56 2.30
CA LYS A 26 -3.40 -8.98 3.25
C LYS A 26 -4.80 -8.91 2.63
N PHE A 27 -4.92 -8.14 1.55
CA PHE A 27 -6.21 -7.99 0.87
C PHE A 27 -6.94 -9.32 0.77
N ILE A 28 -6.30 -10.29 0.13
CA ILE A 28 -6.89 -11.62 -0.04
C ILE A 28 -7.53 -12.10 1.26
N GLN A 29 -6.75 -12.09 2.34
CA GLN A 29 -7.25 -12.53 3.64
C GLN A 29 -8.43 -11.68 4.08
N HIS A 30 -8.18 -10.39 4.31
CA HIS A 30 -9.24 -9.47 4.73
C HIS A 30 -9.55 -8.45 3.64
N PRO A 31 -10.36 -8.87 2.66
CA PRO A 31 -10.76 -8.00 1.55
C PRO A 31 -11.68 -6.87 1.98
N LYS A 32 -11.52 -5.71 1.36
CA LYS A 32 -12.34 -4.55 1.68
C LYS A 32 -12.14 -4.12 3.13
N ASN A 33 -10.92 -4.31 3.63
CA ASN A 33 -10.59 -3.94 5.00
C ASN A 33 -9.32 -3.10 5.05
N PHE A 34 -9.49 -1.80 5.26
CA PHE A 34 -8.35 -0.88 5.32
C PHE A 34 -7.68 -0.96 6.68
N GLY A 35 -8.48 -0.89 7.75
CA GLY A 35 -7.93 -0.95 9.08
C GLY A 35 -7.10 -2.19 9.32
N LEU A 36 -7.67 -3.35 9.02
CA LEU A 36 -6.98 -4.62 9.19
C LEU A 36 -5.62 -4.59 8.52
N ILE A 37 -5.61 -4.43 7.21
CA ILE A 37 -4.37 -4.38 6.44
C ILE A 37 -3.35 -3.46 7.10
N ALA A 38 -3.81 -2.28 7.54
CA ALA A 38 -2.94 -1.32 8.19
C ALA A 38 -2.26 -1.94 9.41
N SER A 39 -3.02 -2.67 10.21
CA SER A 39 -2.50 -3.31 11.41
C SER A 39 -1.15 -3.97 11.13
N TYR A 40 -1.12 -4.81 10.10
CA TYR A 40 0.10 -5.51 9.72
C TYR A 40 1.22 -4.52 9.41
N LEU A 41 0.92 -3.53 8.59
CA LEU A 41 1.90 -2.52 8.22
C LEU A 41 2.20 -1.59 9.39
N GLU A 42 3.49 -1.39 9.66
CA GLU A 42 3.91 -0.52 10.76
C GLU A 42 4.22 0.88 10.26
N ARG A 43 4.93 0.96 9.14
CA ARG A 43 5.29 2.25 8.56
C ARG A 43 4.20 2.75 7.61
N LYS A 44 2.95 2.50 7.98
CA LYS A 44 1.82 2.91 7.17
C LYS A 44 0.62 3.28 8.04
N SER A 45 -0.38 3.90 7.44
CA SER A 45 -1.58 4.31 8.16
C SER A 45 -2.83 3.74 7.51
N VAL A 46 -3.99 4.08 8.07
CA VAL A 46 -5.26 3.60 7.54
C VAL A 46 -5.55 4.22 6.17
N PRO A 47 -5.60 5.56 6.13
CA PRO A 47 -5.87 6.30 4.89
C PRO A 47 -4.71 6.21 3.91
N ASP A 48 -3.63 5.56 4.32
CA ASP A 48 -2.46 5.41 3.47
C ASP A 48 -2.70 4.34 2.41
N CYS A 49 -3.32 3.24 2.81
CA CYS A 49 -3.61 2.15 1.88
C CYS A 49 -4.49 2.61 0.74
N VAL A 50 -5.54 3.36 1.08
CA VAL A 50 -6.47 3.86 0.07
C VAL A 50 -5.72 4.38 -1.15
N LEU A 51 -4.76 5.26 -0.93
CA LEU A 51 -3.97 5.82 -2.02
C LEU A 51 -3.55 4.74 -3.01
N TYR A 52 -2.92 3.68 -2.49
CA TYR A 52 -2.47 2.58 -3.33
C TYR A 52 -3.63 2.00 -4.13
N TYR A 53 -4.66 1.56 -3.43
CA TYR A 53 -5.84 0.97 -4.07
C TYR A 53 -6.25 1.79 -5.28
N TYR A 54 -6.22 3.11 -5.15
CA TYR A 54 -6.60 4.01 -6.23
C TYR A 54 -5.63 3.88 -7.40
N LEU A 55 -4.34 4.04 -7.12
CA LEU A 55 -3.32 3.93 -8.16
C LEU A 55 -3.40 2.59 -8.88
N THR A 56 -3.62 1.53 -8.11
CA THR A 56 -3.72 0.18 -8.66
C THR A 56 -4.61 0.17 -9.90
N LYS A 57 -5.81 0.71 -9.77
CA LYS A 57 -6.75 0.77 -10.88
C LYS A 57 -6.68 2.11 -11.60
N LYS A 58 -5.51 2.73 -11.55
CA LYS A 58 -5.29 4.03 -12.20
C LYS A 58 -4.33 3.90 -13.37
N ASN A 59 -3.14 3.37 -13.09
CA ASN A 59 -2.12 3.20 -14.12
C ASN A 59 -2.07 4.40 -15.06
N GLU A 60 -2.16 5.59 -14.48
CA GLU A 60 -2.14 6.82 -15.27
C GLU A 60 -0.71 7.19 -15.65
N ASN A 61 0.22 7.01 -14.71
CA ASN A 61 1.62 7.33 -14.95
C ASN A 61 2.31 6.19 -15.70
N GLY A 1 -4.44 -10.09 -12.75
CA GLY A 1 -3.95 -9.96 -14.12
C GLY A 1 -3.15 -11.16 -14.56
N SER A 2 -3.19 -11.47 -15.85
CA SER A 2 -2.47 -12.60 -16.39
C SER A 2 -1.67 -12.19 -17.62
N SER A 3 -0.35 -12.06 -17.46
CA SER A 3 0.52 -11.67 -18.56
C SER A 3 0.14 -10.29 -19.09
N GLY A 4 -0.13 -9.37 -18.17
CA GLY A 4 -0.50 -8.03 -18.57
C GLY A 4 0.39 -6.97 -17.93
N SER A 5 1.61 -6.85 -18.42
CA SER A 5 2.56 -5.88 -17.90
C SER A 5 2.27 -4.47 -18.44
N SER A 6 2.86 -3.47 -17.80
CA SER A 6 2.65 -2.08 -18.21
C SER A 6 3.99 -1.36 -18.32
N GLY A 7 4.20 -0.66 -19.43
CA GLY A 7 5.44 0.07 -19.62
C GLY A 7 5.60 1.22 -18.64
N ASP A 8 6.53 2.12 -18.93
CA ASP A 8 6.78 3.27 -18.07
C ASP A 8 6.09 4.52 -18.60
N ARG A 9 4.88 4.79 -18.09
CA ARG A 9 4.12 5.95 -18.52
C ARG A 9 3.82 6.87 -17.34
N GLN A 10 4.77 7.75 -17.04
CA GLN A 10 4.61 8.70 -15.94
C GLN A 10 4.00 8.01 -14.72
N PHE A 11 4.51 6.83 -14.40
CA PHE A 11 4.02 6.07 -13.25
C PHE A 11 5.10 5.90 -12.20
N MET A 12 4.73 6.12 -10.94
CA MET A 12 5.66 6.00 -9.83
C MET A 12 5.20 4.94 -8.83
N ASN A 13 6.10 4.03 -8.48
CA ASN A 13 5.78 2.96 -7.53
C ASN A 13 6.71 3.01 -6.32
N VAL A 14 6.35 3.82 -5.34
CA VAL A 14 7.15 3.95 -4.13
C VAL A 14 7.19 2.65 -3.34
N TRP A 15 6.01 2.01 -3.21
CA TRP A 15 5.91 0.76 -2.48
C TRP A 15 6.94 -0.25 -2.99
N THR A 16 7.83 -0.68 -2.09
CA THR A 16 8.86 -1.65 -2.45
C THR A 16 8.27 -3.02 -2.72
N ASP A 17 9.12 -3.97 -3.09
CA ASP A 17 8.68 -5.32 -3.38
C ASP A 17 8.39 -6.09 -2.09
N HIS A 18 8.75 -5.49 -0.97
CA HIS A 18 8.53 -6.11 0.34
C HIS A 18 7.26 -5.58 0.99
N GLU A 19 6.79 -4.44 0.50
CA GLU A 19 5.58 -3.82 1.04
C GLU A 19 4.39 -4.04 0.10
N LYS A 20 4.62 -3.82 -1.19
CA LYS A 20 3.58 -4.00 -2.19
C LYS A 20 3.10 -5.44 -2.23
N GLU A 21 3.88 -6.34 -1.64
CA GLU A 21 3.53 -7.76 -1.62
C GLU A 21 2.64 -8.07 -0.42
N ILE A 22 2.65 -7.18 0.57
CA ILE A 22 1.84 -7.37 1.77
C ILE A 22 0.37 -7.10 1.49
N PHE A 23 0.08 -5.89 1.01
CA PHE A 23 -1.30 -5.51 0.69
C PHE A 23 -2.02 -6.62 -0.07
N LYS A 24 -1.36 -7.16 -1.08
CA LYS A 24 -1.94 -8.23 -1.89
C LYS A 24 -2.44 -9.36 -0.99
N ASP A 25 -1.52 -10.01 -0.28
CA ASP A 25 -1.87 -11.11 0.60
C ASP A 25 -2.92 -10.66 1.62
N LYS A 26 -2.62 -9.61 2.35
CA LYS A 26 -3.53 -9.08 3.37
C LYS A 26 -4.95 -8.98 2.81
N PHE A 27 -5.06 -8.77 1.49
CA PHE A 27 -6.35 -8.65 0.84
C PHE A 27 -7.07 -10.00 0.81
N ILE A 28 -6.40 -11.01 0.27
CA ILE A 28 -6.97 -12.35 0.19
C ILE A 28 -7.39 -12.85 1.57
N GLN A 29 -6.46 -12.79 2.52
CA GLN A 29 -6.73 -13.24 3.88
C GLN A 29 -7.86 -12.44 4.51
N HIS A 30 -7.74 -11.12 4.46
CA HIS A 30 -8.76 -10.24 5.03
C HIS A 30 -9.11 -9.12 4.05
N PRO A 31 -9.93 -9.45 3.03
CA PRO A 31 -10.35 -8.48 2.02
C PRO A 31 -11.32 -7.43 2.59
N LYS A 32 -11.23 -6.21 2.05
CA LYS A 32 -12.09 -5.13 2.50
C LYS A 32 -11.88 -4.84 3.98
N ASN A 33 -10.63 -4.96 4.43
CA ASN A 33 -10.29 -4.72 5.83
C ASN A 33 -9.13 -3.72 5.93
N PHE A 34 -9.25 -2.61 5.23
CA PHE A 34 -8.21 -1.58 5.25
C PHE A 34 -7.62 -1.43 6.65
N GLY A 35 -8.46 -1.65 7.66
CA GLY A 35 -8.00 -1.53 9.04
C GLY A 35 -6.99 -2.60 9.41
N LEU A 36 -7.34 -3.86 9.14
CA LEU A 36 -6.45 -4.98 9.46
C LEU A 36 -5.27 -5.02 8.50
N ILE A 37 -5.51 -4.64 7.25
CA ILE A 37 -4.46 -4.63 6.24
C ILE A 37 -3.40 -3.57 6.57
N ALA A 38 -3.85 -2.39 6.98
CA ALA A 38 -2.94 -1.31 7.32
C ALA A 38 -2.38 -1.49 8.72
N SER A 39 -3.04 -2.32 9.52
CA SER A 39 -2.60 -2.57 10.89
C SER A 39 -1.24 -3.25 10.91
N TYR A 40 -0.93 -3.98 9.84
CA TYR A 40 0.34 -4.69 9.74
C TYR A 40 1.38 -3.82 9.04
N LEU A 41 0.91 -2.81 8.32
CA LEU A 41 1.81 -1.90 7.59
C LEU A 41 1.93 -0.57 8.32
N GLU A 42 2.86 -0.51 9.27
CA GLU A 42 3.08 0.71 10.04
C GLU A 42 3.52 1.86 9.12
N ARG A 43 4.31 1.53 8.12
CA ARG A 43 4.81 2.52 7.17
C ARG A 43 3.66 3.41 6.67
N LYS A 44 2.67 2.79 6.06
CA LYS A 44 1.52 3.52 5.53
C LYS A 44 0.31 3.35 6.44
N SER A 45 -0.32 4.47 6.79
CA SER A 45 -1.49 4.44 7.66
C SER A 45 -2.71 3.87 6.93
N VAL A 46 -3.84 3.81 7.63
CA VAL A 46 -5.06 3.29 7.05
C VAL A 46 -5.45 4.05 5.79
N PRO A 47 -5.65 5.37 5.94
CA PRO A 47 -6.02 6.24 4.83
C PRO A 47 -4.89 6.42 3.82
N ASP A 48 -3.71 5.94 4.18
CA ASP A 48 -2.54 6.03 3.30
C ASP A 48 -2.47 4.85 2.35
N CYS A 49 -2.76 3.66 2.86
CA CYS A 49 -2.74 2.45 2.05
C CYS A 49 -3.78 2.51 0.95
N VAL A 50 -4.81 3.31 1.15
CA VAL A 50 -5.88 3.45 0.17
C VAL A 50 -5.36 4.07 -1.12
N LEU A 51 -4.53 5.10 -0.99
CA LEU A 51 -3.96 5.78 -2.15
C LEU A 51 -3.52 4.77 -3.20
N TYR A 52 -2.87 3.69 -2.75
CA TYR A 52 -2.40 2.65 -3.65
C TYR A 52 -3.56 1.91 -4.28
N TYR A 53 -4.63 1.72 -3.52
CA TYR A 53 -5.82 1.02 -4.00
C TYR A 53 -6.45 1.76 -5.17
N TYR A 54 -6.32 3.09 -5.16
CA TYR A 54 -6.88 3.91 -6.22
C TYR A 54 -6.01 3.85 -7.48
N LEU A 55 -4.70 3.84 -7.28
CA LEU A 55 -3.76 3.79 -8.39
C LEU A 55 -4.01 2.56 -9.26
N THR A 56 -4.11 1.40 -8.63
CA THR A 56 -4.36 0.16 -9.34
C THR A 56 -5.57 0.27 -10.24
N LYS A 57 -6.42 1.26 -9.97
CA LYS A 57 -7.63 1.47 -10.76
C LYS A 57 -7.68 2.91 -11.29
N LYS A 58 -6.51 3.45 -11.62
CA LYS A 58 -6.43 4.82 -12.14
C LYS A 58 -7.32 5.00 -13.36
N ASN A 59 -7.19 4.10 -14.32
CA ASN A 59 -7.99 4.16 -15.54
C ASN A 59 -9.46 4.41 -15.22
N GLU A 60 -10.20 4.93 -16.20
CA GLU A 60 -11.62 5.23 -16.01
C GLU A 60 -12.48 4.03 -16.43
N ASN A 61 -12.07 3.36 -17.50
CA ASN A 61 -12.80 2.21 -18.01
C ASN A 61 -11.94 0.95 -17.94
N GLY A 1 17.91 8.07 20.69
CA GLY A 1 16.52 8.41 20.45
C GLY A 1 16.13 8.29 18.99
N SER A 2 15.06 8.98 18.61
CA SER A 2 14.59 8.94 17.23
C SER A 2 13.90 10.25 16.86
N SER A 3 14.28 10.81 15.71
CA SER A 3 13.71 12.07 15.25
C SER A 3 13.17 11.92 13.83
N GLY A 4 12.25 12.81 13.45
CA GLY A 4 11.68 12.76 12.12
C GLY A 4 10.30 12.13 12.10
N SER A 5 9.69 12.07 10.92
CA SER A 5 8.36 11.48 10.78
C SER A 5 8.40 10.24 9.90
N SER A 6 8.74 9.10 10.52
CA SER A 6 8.82 7.84 9.80
C SER A 6 9.34 8.05 8.38
N GLY A 7 10.35 8.92 8.25
CA GLY A 7 10.92 9.20 6.95
C GLY A 7 11.99 10.27 7.01
N ASP A 8 13.25 9.86 6.83
CA ASP A 8 14.37 10.79 6.86
C ASP A 8 14.03 12.08 6.12
N ARG A 9 14.53 13.21 6.62
CA ARG A 9 14.28 14.50 6.01
C ARG A 9 14.34 14.39 4.49
N GLN A 10 13.26 14.80 3.83
CA GLN A 10 13.20 14.75 2.37
C GLN A 10 13.58 13.38 1.85
N PHE A 11 13.01 12.33 2.46
CA PHE A 11 13.29 10.96 2.05
C PHE A 11 12.19 10.42 1.15
N MET A 12 12.53 10.15 -0.10
CA MET A 12 11.57 9.62 -1.06
C MET A 12 10.86 8.40 -0.51
N ASN A 13 9.54 8.48 -0.39
CA ASN A 13 8.75 7.38 0.13
C ASN A 13 7.82 6.82 -0.95
N VAL A 14 8.22 5.68 -1.52
CA VAL A 14 7.43 5.05 -2.56
C VAL A 14 7.26 3.55 -2.28
N TRP A 15 6.02 3.07 -2.44
CA TRP A 15 5.72 1.66 -2.20
C TRP A 15 6.79 0.76 -2.82
N THR A 16 7.11 -0.33 -2.13
CA THR A 16 8.12 -1.26 -2.61
C THR A 16 7.58 -2.69 -2.62
N ASP A 17 8.29 -3.57 -3.31
CA ASP A 17 7.89 -4.98 -3.40
C ASP A 17 7.56 -5.53 -2.01
N HIS A 18 8.48 -5.34 -1.07
CA HIS A 18 8.29 -5.82 0.29
C HIS A 18 6.91 -5.41 0.83
N GLU A 19 6.41 -4.27 0.36
CA GLU A 19 5.12 -3.77 0.79
C GLU A 19 3.99 -4.36 -0.07
N LYS A 20 4.21 -4.37 -1.38
CA LYS A 20 3.21 -4.90 -2.31
C LYS A 20 2.85 -6.33 -1.96
N GLU A 21 3.85 -7.12 -1.60
CA GLU A 21 3.63 -8.52 -1.23
C GLU A 21 2.85 -8.62 0.07
N ILE A 22 2.89 -7.56 0.88
CA ILE A 22 2.18 -7.54 2.15
C ILE A 22 0.73 -7.11 1.96
N PHE A 23 0.49 -6.25 0.97
CA PHE A 23 -0.85 -5.77 0.68
C PHE A 23 -1.67 -6.84 -0.04
N LYS A 24 -1.01 -7.57 -0.93
CA LYS A 24 -1.67 -8.63 -1.69
C LYS A 24 -2.00 -9.82 -0.80
N ASP A 25 -1.14 -10.09 0.17
CA ASP A 25 -1.35 -11.19 1.10
C ASP A 25 -2.61 -10.99 1.92
N LYS A 26 -2.62 -9.93 2.73
CA LYS A 26 -3.76 -9.61 3.57
C LYS A 26 -5.03 -9.47 2.73
N PHE A 27 -4.91 -8.83 1.59
CA PHE A 27 -6.05 -8.63 0.69
C PHE A 27 -6.80 -9.95 0.47
N ILE A 28 -6.06 -10.99 0.10
CA ILE A 28 -6.65 -12.30 -0.14
C ILE A 28 -7.51 -12.73 1.03
N GLN A 29 -6.90 -12.83 2.21
CA GLN A 29 -7.62 -13.23 3.42
C GLN A 29 -8.79 -12.29 3.70
N HIS A 30 -8.46 -11.02 3.98
CA HIS A 30 -9.48 -10.02 4.26
C HIS A 30 -9.55 -8.98 3.16
N PRO A 31 -10.23 -9.33 2.06
CA PRO A 31 -10.40 -8.44 0.90
C PRO A 31 -11.29 -7.24 1.21
N LYS A 32 -11.02 -6.12 0.55
CA LYS A 32 -11.81 -4.91 0.75
C LYS A 32 -11.76 -4.47 2.22
N ASN A 33 -10.66 -4.78 2.89
CA ASN A 33 -10.50 -4.42 4.30
C ASN A 33 -9.18 -3.68 4.52
N PHE A 34 -9.19 -2.38 4.30
CA PHE A 34 -7.99 -1.56 4.47
C PHE A 34 -7.49 -1.62 5.91
N GLY A 35 -8.40 -1.40 6.86
CA GLY A 35 -8.03 -1.44 8.26
C GLY A 35 -7.18 -2.65 8.60
N LEU A 36 -7.64 -3.83 8.20
CA LEU A 36 -6.91 -5.06 8.46
C LEU A 36 -5.47 -4.97 7.96
N ILE A 37 -5.32 -4.75 6.66
CA ILE A 37 -4.00 -4.63 6.06
C ILE A 37 -3.12 -3.64 6.83
N ALA A 38 -3.56 -2.39 6.89
CA ALA A 38 -2.82 -1.36 7.59
C ALA A 38 -2.42 -1.83 8.99
N SER A 39 -3.31 -2.57 9.64
CA SER A 39 -3.05 -3.08 10.98
C SER A 39 -1.74 -3.87 11.01
N TYR A 40 -1.60 -4.80 10.08
CA TYR A 40 -0.40 -5.62 9.99
C TYR A 40 0.86 -4.77 9.86
N LEU A 41 0.87 -3.92 8.82
CA LEU A 41 2.00 -3.04 8.58
C LEU A 41 2.14 -2.00 9.69
N GLU A 42 3.38 -1.62 10.00
CA GLU A 42 3.63 -0.63 11.03
C GLU A 42 4.10 0.69 10.42
N ARG A 43 4.68 0.61 9.23
CA ARG A 43 5.18 1.80 8.54
C ARG A 43 4.03 2.56 7.88
N LYS A 44 3.36 1.90 6.95
CA LYS A 44 2.24 2.51 6.24
C LYS A 44 1.07 2.75 7.18
N SER A 45 0.03 3.42 6.68
CA SER A 45 -1.15 3.71 7.48
C SER A 45 -2.43 3.35 6.71
N VAL A 46 -3.57 3.54 7.36
CA VAL A 46 -4.86 3.25 6.74
C VAL A 46 -5.15 4.21 5.59
N PRO A 47 -5.18 5.51 5.91
CA PRO A 47 -5.46 6.56 4.92
C PRO A 47 -4.31 6.73 3.93
N ASP A 48 -3.18 6.08 4.21
CA ASP A 48 -2.02 6.16 3.35
C ASP A 48 -2.10 5.13 2.23
N CYS A 49 -2.62 3.95 2.55
CA CYS A 49 -2.75 2.88 1.58
C CYS A 49 -3.88 3.18 0.58
N VAL A 50 -5.01 3.62 1.11
CA VAL A 50 -6.16 3.95 0.28
C VAL A 50 -5.74 4.67 -1.00
N LEU A 51 -4.85 5.65 -0.84
CA LEU A 51 -4.37 6.42 -1.97
C LEU A 51 -3.94 5.49 -3.12
N TYR A 52 -3.22 4.43 -2.77
CA TYR A 52 -2.75 3.48 -3.77
C TYR A 52 -3.92 2.68 -4.35
N TYR A 53 -4.70 2.06 -3.47
CA TYR A 53 -5.86 1.27 -3.90
C TYR A 53 -6.68 2.03 -4.93
N TYR A 54 -6.82 3.33 -4.73
CA TYR A 54 -7.59 4.17 -5.64
C TYR A 54 -7.03 4.09 -7.06
N LEU A 55 -5.73 4.30 -7.17
CA LEU A 55 -5.05 4.26 -8.47
C LEU A 55 -5.36 2.95 -9.20
N THR A 56 -5.02 1.83 -8.57
CA THR A 56 -5.26 0.53 -9.15
C THR A 56 -6.74 0.34 -9.50
N LYS A 57 -7.59 0.39 -8.48
CA LYS A 57 -9.02 0.22 -8.68
C LYS A 57 -9.46 0.85 -10.00
N LYS A 58 -8.97 2.05 -10.29
CA LYS A 58 -9.31 2.74 -11.53
C LYS A 58 -8.69 2.04 -12.73
N ASN A 59 -9.35 2.14 -13.87
CA ASN A 59 -8.86 1.51 -15.10
C ASN A 59 -8.08 2.51 -15.94
N GLU A 60 -6.75 2.39 -15.91
CA GLU A 60 -5.88 3.28 -16.67
C GLU A 60 -4.95 2.48 -17.58
N ASN A 61 -5.23 2.52 -18.88
CA ASN A 61 -4.43 1.80 -19.85
C ASN A 61 -3.82 2.76 -20.88
N GLY A 1 -10.55 15.50 26.77
CA GLY A 1 -10.41 14.57 25.67
C GLY A 1 -9.71 15.19 24.47
N SER A 2 -8.56 14.63 24.12
CA SER A 2 -7.78 15.14 22.98
C SER A 2 -6.72 14.14 22.57
N SER A 3 -6.71 13.80 21.28
CA SER A 3 -5.73 12.84 20.76
C SER A 3 -5.11 13.36 19.47
N GLY A 4 -4.02 12.72 19.04
CA GLY A 4 -3.35 13.13 17.83
C GLY A 4 -2.92 14.59 17.87
N SER A 5 -1.64 14.82 18.14
CA SER A 5 -1.10 16.17 18.21
C SER A 5 -0.59 16.63 16.84
N SER A 6 0.27 15.82 16.23
CA SER A 6 0.82 16.14 14.92
C SER A 6 0.92 14.89 14.05
N GLY A 7 0.45 15.00 12.82
CA GLY A 7 0.48 13.87 11.90
C GLY A 7 0.82 14.29 10.48
N ASP A 8 2.12 14.44 10.21
CA ASP A 8 2.57 14.84 8.88
C ASP A 8 4.08 14.70 8.76
N ARG A 9 4.52 13.93 7.77
CA ARG A 9 5.95 13.70 7.55
C ARG A 9 6.23 13.44 6.07
N GLN A 10 7.52 13.35 5.73
CA GLN A 10 7.91 13.09 4.36
C GLN A 10 7.55 11.68 3.92
N PHE A 11 6.96 11.56 2.73
CA PHE A 11 6.56 10.27 2.21
C PHE A 11 7.02 10.10 0.76
N MET A 12 7.11 8.85 0.32
CA MET A 12 7.55 8.55 -1.05
C MET A 12 7.09 7.15 -1.46
N ASN A 13 7.37 6.79 -2.71
CA ASN A 13 6.99 5.49 -3.23
C ASN A 13 7.45 4.37 -2.30
N VAL A 14 6.57 3.94 -1.42
CA VAL A 14 6.88 2.88 -0.47
C VAL A 14 6.67 1.50 -1.09
N TRP A 15 5.52 1.32 -1.74
CA TRP A 15 5.20 0.05 -2.39
C TRP A 15 6.17 -0.24 -3.52
N THR A 16 6.92 -1.32 -3.39
CA THR A 16 7.90 -1.71 -4.41
C THR A 16 7.80 -3.21 -4.71
N ASP A 17 8.33 -4.02 -3.80
CA ASP A 17 8.30 -5.47 -3.97
C ASP A 17 7.78 -6.15 -2.72
N HIS A 18 8.48 -5.95 -1.60
CA HIS A 18 8.08 -6.55 -0.34
C HIS A 18 6.97 -5.74 0.34
N GLU A 19 6.92 -4.44 0.00
CA GLU A 19 5.91 -3.56 0.57
C GLU A 19 4.56 -3.74 -0.12
N LYS A 20 4.61 -4.00 -1.43
CA LYS A 20 3.39 -4.19 -2.21
C LYS A 20 2.88 -5.62 -2.06
N GLU A 21 3.78 -6.59 -2.15
CA GLU A 21 3.41 -7.99 -2.03
C GLU A 21 2.56 -8.22 -0.79
N ILE A 22 3.00 -7.66 0.33
CA ILE A 22 2.28 -7.80 1.60
C ILE A 22 0.81 -7.40 1.44
N PHE A 23 0.58 -6.15 1.05
CA PHE A 23 -0.78 -5.65 0.87
C PHE A 23 -1.67 -6.72 0.25
N LYS A 24 -1.35 -7.12 -0.97
CA LYS A 24 -2.12 -8.14 -1.68
C LYS A 24 -2.45 -9.31 -0.75
N ASP A 25 -1.40 -9.95 -0.23
CA ASP A 25 -1.57 -11.08 0.67
C ASP A 25 -2.73 -10.85 1.63
N LYS A 26 -2.61 -9.81 2.45
CA LYS A 26 -3.65 -9.47 3.42
C LYS A 26 -5.03 -9.57 2.79
N PHE A 27 -5.27 -8.76 1.76
CA PHE A 27 -6.54 -8.76 1.06
C PHE A 27 -7.08 -10.18 0.88
N ILE A 28 -6.17 -11.11 0.64
CA ILE A 28 -6.54 -12.51 0.46
C ILE A 28 -7.20 -13.07 1.70
N GLN A 29 -6.64 -12.77 2.87
CA GLN A 29 -7.18 -13.24 4.13
C GLN A 29 -8.46 -12.49 4.50
N HIS A 30 -8.36 -11.17 4.59
CA HIS A 30 -9.49 -10.33 4.92
C HIS A 30 -9.66 -9.20 3.92
N PRO A 31 -10.26 -9.51 2.76
CA PRO A 31 -10.49 -8.52 1.70
C PRO A 31 -11.53 -7.48 2.09
N LYS A 32 -11.67 -6.45 1.26
CA LYS A 32 -12.63 -5.38 1.51
C LYS A 32 -12.42 -4.77 2.89
N ASN A 33 -11.15 -4.51 3.23
CA ASN A 33 -10.82 -3.91 4.52
C ASN A 33 -9.43 -3.27 4.48
N PHE A 34 -9.39 -1.95 4.60
CA PHE A 34 -8.14 -1.21 4.57
C PHE A 34 -7.44 -1.28 5.93
N GLY A 35 -8.11 -0.77 6.96
CA GLY A 35 -7.55 -0.78 8.30
C GLY A 35 -6.74 -2.04 8.57
N LEU A 36 -7.44 -3.17 8.67
CA LEU A 36 -6.78 -4.44 8.94
C LEU A 36 -5.45 -4.54 8.20
N ILE A 37 -5.49 -4.31 6.90
CA ILE A 37 -4.27 -4.37 6.08
C ILE A 37 -3.18 -3.48 6.65
N ALA A 38 -3.54 -2.23 6.95
CA ALA A 38 -2.59 -1.28 7.51
C ALA A 38 -2.01 -1.79 8.82
N SER A 39 -2.85 -2.42 9.64
CA SER A 39 -2.42 -2.94 10.93
C SER A 39 -1.07 -3.64 10.81
N TYR A 40 -0.99 -4.64 9.94
CA TYR A 40 0.24 -5.38 9.72
C TYR A 40 1.40 -4.44 9.42
N LEU A 41 1.22 -3.57 8.44
CA LEU A 41 2.25 -2.61 8.05
C LEU A 41 2.54 -1.64 9.19
N GLU A 42 3.80 -1.25 9.31
CA GLU A 42 4.22 -0.32 10.35
C GLU A 42 4.59 1.03 9.77
N ARG A 43 5.19 1.01 8.58
CA ARG A 43 5.60 2.24 7.91
C ARG A 43 4.47 2.79 7.04
N LYS A 44 3.23 2.59 7.49
CA LYS A 44 2.07 3.07 6.76
C LYS A 44 0.92 3.37 7.71
N SER A 45 -0.07 4.12 7.22
CA SER A 45 -1.23 4.49 8.04
C SER A 45 -2.51 3.93 7.43
N VAL A 46 -3.62 4.12 8.13
CA VAL A 46 -4.92 3.65 7.66
C VAL A 46 -5.30 4.31 6.33
N PRO A 47 -5.37 5.64 6.33
CA PRO A 47 -5.72 6.41 5.14
C PRO A 47 -4.62 6.38 4.08
N ASP A 48 -3.57 5.62 4.36
CA ASP A 48 -2.44 5.50 3.43
C ASP A 48 -2.71 4.40 2.40
N CYS A 49 -3.29 3.30 2.85
CA CYS A 49 -3.60 2.18 1.96
C CYS A 49 -4.56 2.62 0.86
N VAL A 50 -5.67 3.22 1.24
CA VAL A 50 -6.66 3.69 0.27
C VAL A 50 -5.99 4.27 -0.97
N LEU A 51 -5.22 5.33 -0.77
CA LEU A 51 -4.52 5.98 -1.87
C LEU A 51 -3.85 4.95 -2.78
N TYR A 52 -3.09 4.04 -2.18
CA TYR A 52 -2.41 3.00 -2.95
C TYR A 52 -3.38 2.24 -3.84
N TYR A 53 -4.42 1.69 -3.23
CA TYR A 53 -5.42 0.93 -3.97
C TYR A 53 -5.83 1.67 -5.24
N TYR A 54 -6.10 2.96 -5.10
CA TYR A 54 -6.50 3.77 -6.25
C TYR A 54 -5.34 3.96 -7.22
N LEU A 55 -4.26 4.55 -6.72
CA LEU A 55 -3.08 4.79 -7.56
C LEU A 55 -2.81 3.60 -8.49
N THR A 56 -2.62 2.43 -7.89
CA THR A 56 -2.35 1.22 -8.67
C THR A 56 -3.30 1.12 -9.85
N LYS A 57 -4.60 1.13 -9.59
CA LYS A 57 -5.61 1.04 -10.64
C LYS A 57 -5.38 2.11 -11.71
N LYS A 58 -5.13 3.34 -11.26
CA LYS A 58 -4.87 4.45 -12.18
C LYS A 58 -3.90 5.45 -11.57
N ASN A 59 -2.98 5.95 -12.39
CA ASN A 59 -1.99 6.91 -11.93
C ASN A 59 -2.65 8.02 -11.12
N GLU A 60 -3.68 8.64 -11.70
CA GLU A 60 -4.40 9.71 -11.03
C GLU A 60 -5.87 9.73 -11.44
N ASN A 61 -6.74 10.00 -10.48
CA ASN A 61 -8.18 10.06 -10.75
C ASN A 61 -8.54 11.29 -11.56
N GLY A 1 10.91 0.58 -13.70
CA GLY A 1 11.30 0.62 -12.29
C GLY A 1 12.64 -0.06 -12.05
N SER A 2 13.26 0.26 -10.91
CA SER A 2 14.56 -0.32 -10.56
C SER A 2 14.74 -0.34 -9.05
N SER A 3 15.17 -1.48 -8.53
CA SER A 3 15.39 -1.64 -7.10
C SER A 3 16.88 -1.76 -6.79
N GLY A 4 17.43 -0.76 -6.10
CA GLY A 4 18.84 -0.77 -5.75
C GLY A 4 19.18 0.26 -4.71
N SER A 5 18.63 0.09 -3.51
CA SER A 5 18.89 1.02 -2.42
C SER A 5 18.68 0.36 -1.06
N SER A 6 19.64 0.55 -0.16
CA SER A 6 19.56 -0.05 1.17
C SER A 6 18.33 0.45 1.92
N GLY A 7 18.27 1.75 2.14
CA GLY A 7 17.15 2.34 2.84
C GLY A 7 17.57 3.23 3.99
N ASP A 8 18.11 4.40 3.67
CA ASP A 8 18.56 5.34 4.68
C ASP A 8 17.68 6.58 4.70
N ARG A 9 17.38 7.10 3.52
CA ARG A 9 16.54 8.29 3.40
C ARG A 9 16.09 8.49 1.95
N GLN A 10 14.78 8.67 1.78
CA GLN A 10 14.22 8.87 0.44
C GLN A 10 13.28 10.07 0.43
N PHE A 11 13.55 11.01 -0.49
CA PHE A 11 12.73 12.21 -0.61
C PHE A 11 11.26 11.90 -0.32
N MET A 12 10.76 10.82 -0.92
CA MET A 12 9.37 10.41 -0.72
C MET A 12 9.27 8.90 -0.56
N ASN A 13 8.23 8.45 0.14
CA ASN A 13 8.01 7.04 0.38
C ASN A 13 7.19 6.41 -0.74
N VAL A 14 7.88 5.75 -1.67
CA VAL A 14 7.22 5.11 -2.80
C VAL A 14 7.02 3.62 -2.56
N TRP A 15 5.81 3.14 -2.79
CA TRP A 15 5.50 1.73 -2.59
C TRP A 15 6.50 0.84 -3.30
N THR A 16 6.79 -0.32 -2.72
CA THR A 16 7.73 -1.27 -3.30
C THR A 16 7.13 -2.66 -3.40
N ASP A 17 7.83 -3.55 -4.11
CA ASP A 17 7.36 -4.91 -4.28
C ASP A 17 7.08 -5.57 -2.93
N HIS A 18 8.11 -5.63 -2.09
CA HIS A 18 7.97 -6.24 -0.76
C HIS A 18 6.69 -5.77 -0.09
N GLU A 19 6.47 -4.46 -0.07
CA GLU A 19 5.28 -3.88 0.54
C GLU A 19 4.02 -4.34 -0.17
N LYS A 20 4.06 -4.31 -1.50
CA LYS A 20 2.91 -4.72 -2.31
C LYS A 20 2.54 -6.17 -2.01
N GLU A 21 3.46 -7.08 -2.29
CA GLU A 21 3.23 -8.51 -2.07
C GLU A 21 2.50 -8.73 -0.75
N ILE A 22 2.94 -8.05 0.30
CA ILE A 22 2.33 -8.17 1.61
C ILE A 22 0.94 -7.54 1.63
N PHE A 23 0.87 -6.28 1.24
CA PHE A 23 -0.39 -5.56 1.21
C PHE A 23 -1.52 -6.45 0.69
N LYS A 24 -1.26 -7.13 -0.42
CA LYS A 24 -2.25 -8.02 -1.03
C LYS A 24 -2.29 -9.36 -0.30
N ASP A 25 -1.16 -9.74 0.31
CA ASP A 25 -1.06 -10.99 1.05
C ASP A 25 -2.28 -11.17 1.96
N LYS A 26 -2.73 -10.07 2.56
CA LYS A 26 -3.87 -10.11 3.47
C LYS A 26 -5.17 -9.92 2.70
N PHE A 27 -5.16 -9.01 1.73
CA PHE A 27 -6.34 -8.74 0.91
C PHE A 27 -7.07 -10.03 0.55
N ILE A 28 -6.30 -11.04 0.16
CA ILE A 28 -6.87 -12.32 -0.22
C ILE A 28 -7.70 -12.91 0.92
N GLN A 29 -7.10 -13.00 2.10
CA GLN A 29 -7.78 -13.53 3.26
C GLN A 29 -8.98 -12.65 3.65
N HIS A 30 -8.74 -11.36 3.78
CA HIS A 30 -9.79 -10.41 4.15
C HIS A 30 -9.80 -9.22 3.20
N PRO A 31 -10.38 -9.42 2.00
CA PRO A 31 -10.48 -8.38 0.98
C PRO A 31 -11.43 -7.26 1.39
N LYS A 32 -11.28 -6.09 0.77
CA LYS A 32 -12.13 -4.95 1.05
C LYS A 32 -11.98 -4.52 2.51
N ASN A 33 -10.79 -4.71 3.06
CA ASN A 33 -10.53 -4.33 4.45
C ASN A 33 -9.14 -3.72 4.59
N PHE A 34 -9.11 -2.41 4.83
CA PHE A 34 -7.85 -1.69 4.99
C PHE A 34 -7.31 -1.83 6.41
N GLY A 35 -8.09 -1.35 7.38
CA GLY A 35 -7.68 -1.43 8.77
C GLY A 35 -6.92 -2.71 9.07
N LEU A 36 -7.45 -3.85 8.62
CA LEU A 36 -6.81 -5.13 8.86
C LEU A 36 -5.44 -5.19 8.19
N ILE A 37 -5.39 -4.85 6.91
CA ILE A 37 -4.15 -4.85 6.17
C ILE A 37 -3.15 -3.85 6.74
N ALA A 38 -3.53 -2.57 6.70
CA ALA A 38 -2.67 -1.51 7.22
C ALA A 38 -2.05 -1.91 8.55
N SER A 39 -2.83 -2.59 9.39
CA SER A 39 -2.36 -3.03 10.70
C SER A 39 -0.94 -3.58 10.60
N TYR A 40 -0.74 -4.53 9.70
CA TYR A 40 0.57 -5.15 9.51
C TYR A 40 1.59 -4.11 9.08
N LEU A 41 1.21 -3.27 8.13
CA LEU A 41 2.10 -2.23 7.63
C LEU A 41 2.04 -0.98 8.52
N GLU A 42 3.05 -0.82 9.36
CA GLU A 42 3.12 0.32 10.26
C GLU A 42 3.41 1.61 9.49
N ARG A 43 4.50 1.59 8.73
CA ARG A 43 4.90 2.75 7.94
C ARG A 43 3.69 3.40 7.28
N LYS A 44 2.88 2.59 6.60
CA LYS A 44 1.69 3.08 5.92
C LYS A 44 0.58 3.40 6.92
N SER A 45 -0.51 3.96 6.43
CA SER A 45 -1.64 4.32 7.28
C SER A 45 -2.96 3.89 6.65
N VAL A 46 -4.03 3.97 7.42
CA VAL A 46 -5.35 3.59 6.94
C VAL A 46 -5.77 4.45 5.75
N PRO A 47 -5.81 5.77 5.96
CA PRO A 47 -6.19 6.73 4.92
C PRO A 47 -5.14 6.84 3.83
N ASP A 48 -3.91 6.49 4.16
CA ASP A 48 -2.80 6.55 3.21
C ASP A 48 -2.91 5.43 2.18
N CYS A 49 -3.07 4.20 2.67
CA CYS A 49 -3.18 3.04 1.79
C CYS A 49 -4.23 3.27 0.71
N VAL A 50 -5.41 3.75 1.13
CA VAL A 50 -6.50 4.02 0.20
C VAL A 50 -5.97 4.56 -1.13
N LEU A 51 -5.34 5.73 -1.08
CA LEU A 51 -4.78 6.34 -2.28
C LEU A 51 -4.08 5.31 -3.15
N TYR A 52 -3.01 4.72 -2.62
CA TYR A 52 -2.26 3.71 -3.36
C TYR A 52 -3.19 2.74 -4.05
N TYR A 53 -4.21 2.29 -3.34
CA TYR A 53 -5.17 1.34 -3.90
C TYR A 53 -5.79 1.88 -5.18
N TYR A 54 -6.18 3.15 -5.16
CA TYR A 54 -6.77 3.78 -6.33
C TYR A 54 -5.78 3.86 -7.48
N LEU A 55 -4.60 4.39 -7.20
CA LEU A 55 -3.56 4.53 -8.22
C LEU A 55 -3.47 3.26 -9.07
N THR A 56 -3.26 2.13 -8.41
CA THR A 56 -3.15 0.85 -9.11
C THR A 56 -4.45 0.52 -9.84
N LYS A 57 -5.58 0.76 -9.19
CA LYS A 57 -6.88 0.48 -9.78
C LYS A 57 -6.90 0.85 -11.26
N LYS A 58 -6.36 2.02 -11.58
CA LYS A 58 -6.31 2.49 -12.96
C LYS A 58 -4.86 2.69 -13.41
N ASN A 59 -4.51 2.08 -14.53
CA ASN A 59 -3.15 2.19 -15.07
C ASN A 59 -3.20 2.49 -16.56
N GLU A 60 -2.05 2.87 -17.11
CA GLU A 60 -1.96 3.19 -18.53
C GLU A 60 -2.14 1.94 -19.39
N ASN A 61 -3.37 1.70 -19.82
CA ASN A 61 -3.68 0.53 -20.65
C ASN A 61 -3.16 0.72 -22.06
N GLY A 1 12.34 -8.24 -10.79
CA GLY A 1 12.80 -7.32 -11.82
C GLY A 1 13.14 -8.03 -13.11
N SER A 2 12.90 -7.36 -14.24
CA SER A 2 13.18 -7.94 -15.55
C SER A 2 13.75 -6.88 -16.49
N SER A 3 14.73 -7.29 -17.29
CA SER A 3 15.37 -6.38 -18.24
C SER A 3 15.96 -5.17 -17.52
N GLY A 4 16.64 -5.42 -16.41
CA GLY A 4 17.24 -4.34 -15.64
C GLY A 4 16.56 -4.14 -14.29
N SER A 5 16.49 -5.21 -13.51
CA SER A 5 15.85 -5.15 -12.19
C SER A 5 16.40 -3.97 -11.39
N SER A 6 15.63 -2.89 -11.34
CA SER A 6 16.03 -1.70 -10.61
C SER A 6 17.37 -1.17 -11.12
N GLY A 7 17.56 -1.21 -12.44
CA GLY A 7 18.80 -0.74 -13.03
C GLY A 7 18.67 0.64 -13.61
N ASP A 8 17.59 0.87 -14.37
CA ASP A 8 17.36 2.16 -15.00
C ASP A 8 17.32 3.28 -13.95
N ARG A 9 16.59 3.03 -12.87
CA ARG A 9 16.47 4.00 -11.80
C ARG A 9 17.05 3.47 -10.50
N GLN A 10 17.38 4.37 -9.58
CA GLN A 10 17.95 3.99 -8.30
C GLN A 10 17.03 4.41 -7.14
N PHE A 11 16.59 3.44 -6.36
CA PHE A 11 15.71 3.72 -5.23
C PHE A 11 14.75 4.85 -5.55
N MET A 12 14.19 4.82 -6.75
CA MET A 12 13.25 5.85 -7.19
C MET A 12 11.81 5.42 -6.92
N ASN A 13 11.56 4.92 -5.71
CA ASN A 13 10.24 4.47 -5.33
C ASN A 13 10.20 4.06 -3.85
N VAL A 14 9.59 4.91 -3.03
CA VAL A 14 9.48 4.63 -1.61
C VAL A 14 9.00 3.21 -1.35
N TRP A 15 7.81 2.90 -1.87
CA TRP A 15 7.23 1.57 -1.70
C TRP A 15 8.26 0.48 -2.02
N THR A 16 8.31 -0.54 -1.18
CA THR A 16 9.26 -1.64 -1.38
C THR A 16 8.53 -2.90 -1.87
N ASP A 17 9.15 -3.59 -2.82
CA ASP A 17 8.57 -4.81 -3.37
C ASP A 17 8.22 -5.80 -2.27
N HIS A 18 8.76 -5.56 -1.08
CA HIS A 18 8.51 -6.43 0.06
C HIS A 18 7.29 -5.96 0.85
N GLU A 19 7.03 -4.66 0.79
CA GLU A 19 5.88 -4.08 1.50
C GLU A 19 4.64 -4.10 0.63
N LYS A 20 4.80 -3.74 -0.64
CA LYS A 20 3.69 -3.71 -1.58
C LYS A 20 3.12 -5.11 -1.78
N GLU A 21 3.99 -6.11 -1.81
CA GLU A 21 3.57 -7.49 -2.00
C GLU A 21 2.58 -7.90 -0.92
N ILE A 22 2.72 -7.31 0.26
CA ILE A 22 1.84 -7.61 1.38
C ILE A 22 0.39 -7.24 1.06
N PHE A 23 0.15 -5.95 0.84
CA PHE A 23 -1.18 -5.45 0.53
C PHE A 23 -1.93 -6.46 -0.35
N LYS A 24 -1.35 -6.77 -1.51
CA LYS A 24 -1.97 -7.71 -2.44
C LYS A 24 -2.42 -8.97 -1.71
N ASP A 25 -1.53 -9.55 -0.92
CA ASP A 25 -1.84 -10.77 -0.17
C ASP A 25 -2.92 -10.49 0.87
N LYS A 26 -2.62 -9.58 1.80
CA LYS A 26 -3.55 -9.24 2.86
C LYS A 26 -4.99 -9.26 2.34
N PHE A 27 -5.29 -8.39 1.38
CA PHE A 27 -6.62 -8.32 0.80
C PHE A 27 -7.22 -9.72 0.63
N ILE A 28 -6.40 -10.64 0.14
CA ILE A 28 -6.85 -12.01 -0.08
C ILE A 28 -7.45 -12.61 1.20
N GLN A 29 -6.77 -12.38 2.32
CA GLN A 29 -7.24 -12.88 3.60
C GLN A 29 -8.37 -12.01 4.15
N HIS A 30 -8.22 -10.70 4.01
CA HIS A 30 -9.22 -9.76 4.49
C HIS A 30 -9.54 -8.71 3.42
N PRO A 31 -10.43 -9.08 2.49
CA PRO A 31 -10.85 -8.18 1.41
C PRO A 31 -11.70 -7.02 1.90
N LYS A 32 -11.42 -5.83 1.39
CA LYS A 32 -12.16 -4.63 1.78
C LYS A 32 -11.99 -4.35 3.27
N ASN A 33 -10.77 -4.51 3.76
CA ASN A 33 -10.48 -4.27 5.17
C ASN A 33 -9.21 -3.45 5.33
N PHE A 34 -9.31 -2.15 5.05
CA PHE A 34 -8.17 -1.24 5.16
C PHE A 34 -7.62 -1.24 6.58
N GLY A 35 -8.44 -0.76 7.53
CA GLY A 35 -8.02 -0.70 8.91
C GLY A 35 -7.13 -1.86 9.29
N LEU A 36 -7.56 -3.07 8.94
CA LEU A 36 -6.79 -4.27 9.25
C LEU A 36 -5.44 -4.27 8.55
N ILE A 37 -5.47 -4.18 7.23
CA ILE A 37 -4.25 -4.16 6.43
C ILE A 37 -3.25 -3.15 7.00
N ALA A 38 -3.73 -1.95 7.30
CA ALA A 38 -2.86 -0.91 7.86
C ALA A 38 -2.13 -1.40 9.11
N SER A 39 -2.87 -2.10 9.97
CA SER A 39 -2.29 -2.62 11.21
C SER A 39 -0.97 -3.34 10.93
N TYR A 40 -1.02 -4.30 10.01
CA TYR A 40 0.16 -5.07 9.65
C TYR A 40 1.33 -4.15 9.28
N LEU A 41 1.12 -3.35 8.24
CA LEU A 41 2.15 -2.41 7.79
C LEU A 41 2.50 -1.41 8.89
N GLU A 42 3.79 -1.08 8.98
CA GLU A 42 4.25 -0.13 9.99
C GLU A 42 4.45 1.26 9.39
N ARG A 43 5.03 1.29 8.19
CA ARG A 43 5.28 2.55 7.50
C ARG A 43 4.09 2.93 6.62
N LYS A 44 2.89 2.58 7.07
CA LYS A 44 1.67 2.89 6.32
C LYS A 44 0.50 3.13 7.27
N SER A 45 -0.18 4.25 7.10
CA SER A 45 -1.33 4.59 7.93
C SER A 45 -2.63 4.15 7.28
N VAL A 46 -3.73 4.33 8.00
CA VAL A 46 -5.05 3.95 7.50
C VAL A 46 -5.34 4.62 6.16
N PRO A 47 -5.31 5.96 6.16
CA PRO A 47 -5.57 6.76 4.95
C PRO A 47 -4.44 6.62 3.93
N ASP A 48 -3.41 5.88 4.27
CA ASP A 48 -2.27 5.67 3.38
C ASP A 48 -2.51 4.45 2.49
N CYS A 49 -2.84 3.32 3.10
CA CYS A 49 -3.08 2.09 2.36
C CYS A 49 -4.07 2.33 1.23
N VAL A 50 -5.10 3.12 1.50
CA VAL A 50 -6.13 3.43 0.51
C VAL A 50 -5.49 3.82 -0.82
N LEU A 51 -4.55 4.75 -0.76
CA LEU A 51 -3.86 5.22 -1.97
C LEU A 51 -3.52 4.06 -2.89
N TYR A 52 -2.90 3.03 -2.33
CA TYR A 52 -2.52 1.85 -3.09
C TYR A 52 -3.72 1.25 -3.81
N TYR A 53 -4.74 0.90 -3.04
CA TYR A 53 -5.96 0.31 -3.60
C TYR A 53 -6.33 1.00 -4.92
N TYR A 54 -6.13 2.30 -4.98
CA TYR A 54 -6.44 3.07 -6.18
C TYR A 54 -5.43 2.78 -7.29
N LEU A 55 -4.16 2.82 -6.93
CA LEU A 55 -3.08 2.56 -7.90
C LEU A 55 -3.14 1.13 -8.41
N THR A 56 -3.06 0.18 -7.48
CA THR A 56 -3.10 -1.24 -7.83
C THR A 56 -4.11 -1.50 -8.95
N LYS A 57 -5.19 -0.72 -8.95
CA LYS A 57 -6.23 -0.87 -9.97
C LYS A 57 -5.89 -0.04 -11.21
N LYS A 58 -5.44 1.19 -10.99
CA LYS A 58 -5.08 2.08 -12.09
C LYS A 58 -3.63 1.89 -12.49
N ASN A 59 -3.41 1.18 -13.60
CA ASN A 59 -2.06 0.92 -14.10
C ASN A 59 -2.05 0.86 -15.62
N GLU A 60 -1.00 1.42 -16.22
CA GLU A 60 -0.87 1.42 -17.67
C GLU A 60 -0.46 0.04 -18.18
N ASN A 61 -0.76 -0.22 -19.46
CA ASN A 61 -0.43 -1.50 -20.07
C ASN A 61 0.42 -1.30 -21.32
N GLY A 1 -8.75 -10.91 -6.46
CA GLY A 1 -8.02 -9.67 -6.60
C GLY A 1 -6.98 -9.73 -7.70
N SER A 2 -7.16 -8.87 -8.72
CA SER A 2 -6.24 -8.84 -9.84
C SER A 2 -5.42 -7.55 -9.83
N SER A 3 -4.28 -7.56 -10.53
CA SER A 3 -3.42 -6.39 -10.59
C SER A 3 -2.63 -6.38 -11.90
N GLY A 4 -2.07 -5.22 -12.24
CA GLY A 4 -1.31 -5.09 -13.46
C GLY A 4 -1.87 -4.05 -14.40
N SER A 5 -1.51 -2.80 -14.19
CA SER A 5 -1.98 -1.71 -15.02
C SER A 5 -0.88 -1.18 -15.94
N SER A 6 -1.25 -0.32 -16.88
CA SER A 6 -0.30 0.25 -17.82
C SER A 6 0.95 0.74 -17.08
N GLY A 7 2.10 0.55 -17.70
CA GLY A 7 3.36 0.99 -17.11
C GLY A 7 3.21 2.30 -16.37
N ASP A 8 3.48 2.29 -15.06
CA ASP A 8 3.38 3.49 -14.25
C ASP A 8 4.77 3.99 -13.84
N ARG A 9 5.10 5.21 -14.25
CA ARG A 9 6.39 5.80 -13.92
C ARG A 9 6.70 5.64 -12.44
N GLN A 10 7.94 5.96 -12.06
CA GLN A 10 8.36 5.85 -10.67
C GLN A 10 8.76 7.21 -10.12
N PHE A 11 7.99 8.24 -10.47
CA PHE A 11 8.27 9.59 -10.00
C PHE A 11 8.83 9.58 -8.58
N MET A 12 8.20 8.81 -7.71
CA MET A 12 8.63 8.71 -6.33
C MET A 12 8.30 7.34 -5.74
N ASN A 13 9.33 6.60 -5.32
CA ASN A 13 9.13 5.27 -4.76
C ASN A 13 8.40 5.36 -3.42
N VAL A 14 7.07 5.24 -3.48
CA VAL A 14 6.25 5.29 -2.27
C VAL A 14 6.00 3.91 -1.71
N TRP A 15 5.78 2.95 -2.61
CA TRP A 15 5.53 1.56 -2.21
C TRP A 15 6.67 0.65 -2.62
N THR A 16 7.21 -0.09 -1.66
CA THR A 16 8.32 -1.01 -1.93
C THR A 16 7.81 -2.40 -2.30
N ASP A 17 8.53 -3.06 -3.20
CA ASP A 17 8.14 -4.40 -3.64
C ASP A 17 7.76 -5.28 -2.46
N HIS A 18 8.30 -4.95 -1.29
CA HIS A 18 8.01 -5.70 -0.07
C HIS A 18 6.72 -5.22 0.58
N GLU A 19 6.46 -3.92 0.46
CA GLU A 19 5.26 -3.34 1.05
C GLU A 19 4.02 -3.70 0.23
N LYS A 20 4.18 -3.71 -1.09
CA LYS A 20 3.08 -4.04 -1.98
C LYS A 20 2.73 -5.53 -1.89
N GLU A 21 3.63 -6.31 -1.32
CA GLU A 21 3.42 -7.74 -1.17
C GLU A 21 2.36 -8.03 -0.10
N ILE A 22 2.67 -7.64 1.14
CA ILE A 22 1.75 -7.85 2.25
C ILE A 22 0.34 -7.37 1.91
N PHE A 23 0.26 -6.21 1.25
CA PHE A 23 -1.01 -5.65 0.86
C PHE A 23 -1.88 -6.68 0.14
N LYS A 24 -1.26 -7.43 -0.75
CA LYS A 24 -1.96 -8.46 -1.51
C LYS A 24 -2.22 -9.69 -0.65
N ASP A 25 -1.19 -10.13 0.07
CA ASP A 25 -1.30 -11.30 0.93
C ASP A 25 -2.61 -11.27 1.72
N LYS A 26 -2.83 -10.18 2.46
CA LYS A 26 -4.04 -10.03 3.25
C LYS A 26 -5.27 -9.84 2.36
N PHE A 27 -5.17 -8.89 1.43
CA PHE A 27 -6.26 -8.61 0.50
C PHE A 27 -6.98 -9.90 0.11
N ILE A 28 -6.21 -10.94 -0.18
CA ILE A 28 -6.79 -12.22 -0.57
C ILE A 28 -7.70 -12.77 0.52
N GLN A 29 -7.20 -12.79 1.75
CA GLN A 29 -7.97 -13.29 2.88
C GLN A 29 -9.09 -12.32 3.25
N HIS A 30 -8.69 -11.11 3.65
CA HIS A 30 -9.65 -10.09 4.04
C HIS A 30 -9.48 -8.82 3.20
N PRO A 31 -10.03 -8.85 1.98
CA PRO A 31 -9.95 -7.72 1.04
C PRO A 31 -10.78 -6.52 1.50
N LYS A 32 -10.47 -5.35 0.96
CA LYS A 32 -11.18 -4.13 1.32
C LYS A 32 -11.17 -3.91 2.83
N ASN A 33 -10.07 -4.30 3.46
CA ASN A 33 -9.91 -4.14 4.90
C ASN A 33 -8.58 -3.49 5.24
N PHE A 34 -8.55 -2.16 5.23
CA PHE A 34 -7.33 -1.43 5.55
C PHE A 34 -6.99 -1.52 7.03
N GLY A 35 -8.03 -1.56 7.87
CA GLY A 35 -7.82 -1.64 9.30
C GLY A 35 -6.98 -2.85 9.68
N LEU A 36 -7.16 -3.95 8.97
CA LEU A 36 -6.42 -5.18 9.24
C LEU A 36 -5.03 -5.12 8.61
N ILE A 37 -5.00 -4.97 7.29
CA ILE A 37 -3.73 -4.90 6.57
C ILE A 37 -2.76 -3.94 7.24
N ALA A 38 -3.22 -2.71 7.46
CA ALA A 38 -2.40 -1.69 8.09
C ALA A 38 -1.83 -2.19 9.41
N SER A 39 -2.65 -2.92 10.16
CA SER A 39 -2.22 -3.46 11.45
C SER A 39 -0.87 -4.16 11.33
N TYR A 40 -0.61 -4.72 10.16
CA TYR A 40 0.65 -5.43 9.91
C TYR A 40 1.75 -4.45 9.53
N LEU A 41 1.45 -3.54 8.61
CA LEU A 41 2.41 -2.55 8.16
C LEU A 41 2.95 -1.74 9.33
N GLU A 42 4.26 -1.75 9.51
CA GLU A 42 4.90 -1.00 10.58
C GLU A 42 4.93 0.48 10.28
N ARG A 43 5.12 0.82 9.00
CA ARG A 43 5.17 2.21 8.58
C ARG A 43 3.84 2.63 7.94
N LYS A 44 3.54 2.07 6.78
CA LYS A 44 2.31 2.38 6.07
C LYS A 44 1.15 2.55 7.04
N SER A 45 0.13 3.29 6.61
CA SER A 45 -1.04 3.52 7.44
C SER A 45 -2.32 3.19 6.68
N VAL A 46 -3.44 3.14 7.41
CA VAL A 46 -4.73 2.83 6.81
C VAL A 46 -5.05 3.80 5.67
N PRO A 47 -5.09 5.11 5.99
CA PRO A 47 -5.37 6.16 5.01
C PRO A 47 -4.24 6.34 4.00
N ASP A 48 -3.18 5.55 4.17
CA ASP A 48 -2.03 5.63 3.27
C ASP A 48 -2.24 4.75 2.04
N CYS A 49 -2.96 3.65 2.22
CA CYS A 49 -3.24 2.72 1.13
C CYS A 49 -4.39 3.24 0.26
N VAL A 50 -5.40 3.81 0.90
CA VAL A 50 -6.55 4.35 0.19
C VAL A 50 -6.15 4.92 -1.16
N LEU A 51 -5.04 5.65 -1.17
CA LEU A 51 -4.54 6.27 -2.40
C LEU A 51 -4.07 5.20 -3.39
N TYR A 52 -3.08 4.42 -3.00
CA TYR A 52 -2.54 3.37 -3.86
C TYR A 52 -3.66 2.69 -4.65
N TYR A 53 -4.65 2.17 -3.92
CA TYR A 53 -5.78 1.49 -4.55
C TYR A 53 -6.23 2.23 -5.81
N TYR A 54 -6.39 3.54 -5.69
CA TYR A 54 -6.82 4.38 -6.81
C TYR A 54 -5.79 4.32 -7.94
N LEU A 55 -4.55 4.69 -7.62
CA LEU A 55 -3.48 4.69 -8.60
C LEU A 55 -3.52 3.43 -9.47
N THR A 56 -3.59 2.27 -8.82
CA THR A 56 -3.64 1.00 -9.52
C THR A 56 -4.73 1.01 -10.59
N LYS A 57 -5.96 1.26 -10.17
CA LYS A 57 -7.09 1.31 -11.09
C LYS A 57 -6.70 1.98 -12.40
N LYS A 58 -6.02 3.11 -12.30
CA LYS A 58 -5.59 3.85 -13.49
C LYS A 58 -4.70 5.04 -13.09
N ASN A 59 -4.16 5.72 -14.09
CA ASN A 59 -3.30 6.87 -13.85
C ASN A 59 -4.12 8.15 -13.76
N GLU A 60 -3.89 8.93 -12.71
CA GLU A 60 -4.60 10.19 -12.51
C GLU A 60 -4.76 10.94 -13.83
N ASN A 61 -5.98 10.96 -14.36
CA ASN A 61 -6.27 11.64 -15.62
C ASN A 61 -5.70 13.05 -15.60
N GLY A 1 -2.80 -9.74 -15.85
CA GLY A 1 -1.63 -10.41 -16.37
C GLY A 1 -1.27 -11.65 -15.57
N SER A 2 -0.95 -12.73 -16.27
CA SER A 2 -0.58 -13.98 -15.62
C SER A 2 0.93 -14.15 -15.58
N SER A 3 1.57 -14.08 -16.75
CA SER A 3 3.01 -14.23 -16.86
C SER A 3 3.72 -13.31 -15.86
N GLY A 4 3.53 -12.00 -16.04
CA GLY A 4 4.16 -11.04 -15.15
C GLY A 4 5.54 -10.64 -15.62
N SER A 5 5.64 -9.45 -16.20
CA SER A 5 6.91 -8.94 -16.71
C SER A 5 7.51 -7.93 -15.74
N SER A 6 6.78 -6.85 -15.48
CA SER A 6 7.25 -5.80 -14.59
C SER A 6 8.58 -5.23 -15.05
N GLY A 7 8.71 -5.02 -16.36
CA GLY A 7 9.94 -4.48 -16.91
C GLY A 7 9.91 -2.97 -17.02
N ASP A 8 10.67 -2.30 -16.16
CA ASP A 8 10.73 -0.85 -16.17
C ASP A 8 12.15 -0.35 -15.89
N ARG A 9 12.66 0.51 -16.75
CA ARG A 9 13.99 1.05 -16.60
C ARG A 9 13.95 2.52 -16.17
N GLN A 10 13.09 3.30 -16.82
CA GLN A 10 12.94 4.71 -16.51
C GLN A 10 11.59 4.99 -15.85
N PHE A 11 11.52 4.79 -14.54
CA PHE A 11 10.29 5.02 -13.80
C PHE A 11 10.59 5.25 -12.32
N MET A 12 9.58 5.69 -11.58
CA MET A 12 9.73 5.94 -10.15
C MET A 12 8.68 5.18 -9.35
N ASN A 13 9.04 4.79 -8.13
CA ASN A 13 8.13 4.04 -7.27
C ASN A 13 8.52 4.22 -5.80
N VAL A 14 7.54 4.03 -4.91
CA VAL A 14 7.77 4.17 -3.48
C VAL A 14 7.47 2.86 -2.75
N TRP A 15 6.27 2.33 -2.95
CA TRP A 15 5.87 1.09 -2.31
C TRP A 15 6.82 -0.04 -2.67
N THR A 16 7.73 -0.35 -1.76
CA THR A 16 8.70 -1.41 -1.97
C THR A 16 8.02 -2.71 -2.38
N ASP A 17 8.76 -3.58 -3.06
CA ASP A 17 8.22 -4.85 -3.52
C ASP A 17 7.49 -5.57 -2.37
N HIS A 18 8.10 -5.60 -1.20
CA HIS A 18 7.51 -6.24 -0.03
C HIS A 18 6.21 -5.55 0.36
N GLU A 19 6.26 -4.23 0.49
CA GLU A 19 5.08 -3.45 0.85
C GLU A 19 3.88 -3.84 0.01
N LYS A 20 4.01 -3.68 -1.31
CA LYS A 20 2.94 -4.02 -2.23
C LYS A 20 2.50 -5.47 -2.05
N GLU A 21 3.47 -6.37 -1.91
CA GLU A 21 3.19 -7.78 -1.72
C GLU A 21 2.31 -8.01 -0.50
N ILE A 22 2.65 -7.35 0.60
CA ILE A 22 1.89 -7.48 1.84
C ILE A 22 0.46 -7.01 1.66
N PHE A 23 0.31 -5.81 1.10
CA PHE A 23 -1.01 -5.24 0.87
C PHE A 23 -1.92 -6.23 0.15
N LYS A 24 -1.40 -6.84 -0.91
CA LYS A 24 -2.16 -7.82 -1.68
C LYS A 24 -2.36 -9.11 -0.89
N ASP A 25 -1.30 -9.53 -0.21
CA ASP A 25 -1.35 -10.76 0.59
C ASP A 25 -2.57 -10.75 1.51
N LYS A 26 -2.66 -9.72 2.35
CA LYS A 26 -3.78 -9.59 3.29
C LYS A 26 -5.09 -9.39 2.55
N PHE A 27 -5.01 -8.79 1.36
CA PHE A 27 -6.19 -8.54 0.55
C PHE A 27 -7.01 -9.82 0.36
N ILE A 28 -6.32 -10.91 0.03
CA ILE A 28 -6.98 -12.19 -0.17
C ILE A 28 -7.70 -12.65 1.09
N GLN A 29 -6.94 -12.88 2.15
CA GLN A 29 -7.50 -13.32 3.43
C GLN A 29 -8.63 -12.41 3.86
N HIS A 30 -8.35 -11.11 3.95
CA HIS A 30 -9.36 -10.14 4.35
C HIS A 30 -9.62 -9.13 3.23
N PRO A 31 -10.51 -9.52 2.29
CA PRO A 31 -10.87 -8.67 1.15
C PRO A 31 -11.68 -7.45 1.57
N LYS A 32 -11.40 -6.31 0.96
CA LYS A 32 -12.12 -5.07 1.27
C LYS A 32 -11.91 -4.67 2.72
N ASN A 33 -10.67 -4.83 3.19
CA ASN A 33 -10.34 -4.48 4.58
C ASN A 33 -9.08 -3.63 4.63
N PHE A 34 -9.23 -2.33 4.38
CA PHE A 34 -8.10 -1.41 4.40
C PHE A 34 -7.45 -1.38 5.78
N GLY A 35 -8.25 -1.04 6.80
CA GLY A 35 -7.74 -0.97 8.15
C GLY A 35 -6.91 -2.19 8.52
N LEU A 36 -7.54 -3.36 8.50
CA LEU A 36 -6.84 -4.60 8.83
C LEU A 36 -5.42 -4.59 8.29
N ILE A 37 -5.28 -4.51 6.98
CA ILE A 37 -3.98 -4.48 6.34
C ILE A 37 -3.06 -3.45 6.99
N ALA A 38 -3.54 -2.21 7.06
CA ALA A 38 -2.77 -1.13 7.66
C ALA A 38 -2.25 -1.52 9.03
N SER A 39 -3.14 -2.04 9.87
CA SER A 39 -2.77 -2.46 11.22
C SER A 39 -1.39 -3.13 11.23
N TYR A 40 -1.21 -4.07 10.31
CA TYR A 40 0.07 -4.79 10.21
C TYR A 40 1.19 -3.85 9.77
N LEU A 41 0.95 -3.13 8.67
CA LEU A 41 1.94 -2.20 8.15
C LEU A 41 2.14 -1.02 9.10
N GLU A 42 3.13 -1.15 9.98
CA GLU A 42 3.43 -0.10 10.95
C GLU A 42 3.94 1.15 10.25
N ARG A 43 4.87 0.96 9.32
CA ARG A 43 5.44 2.07 8.57
C ARG A 43 4.36 2.93 7.93
N LYS A 44 3.58 2.31 7.05
CA LYS A 44 2.49 3.01 6.37
C LYS A 44 1.35 3.32 7.34
N SER A 45 0.34 4.04 6.84
CA SER A 45 -0.81 4.39 7.65
C SER A 45 -2.11 3.93 7.00
N VAL A 46 -3.17 3.82 7.80
CA VAL A 46 -4.47 3.39 7.30
C VAL A 46 -4.83 4.12 6.02
N PRO A 47 -4.88 5.46 6.10
CA PRO A 47 -5.22 6.30 4.95
C PRO A 47 -4.11 6.32 3.89
N ASP A 48 -3.02 5.63 4.20
CA ASP A 48 -1.88 5.56 3.27
C ASP A 48 -2.09 4.46 2.25
N CYS A 49 -2.58 3.31 2.71
CA CYS A 49 -2.82 2.17 1.83
C CYS A 49 -4.01 2.43 0.92
N VAL A 50 -5.11 2.91 1.50
CA VAL A 50 -6.32 3.20 0.74
C VAL A 50 -5.98 3.82 -0.61
N LEU A 51 -5.06 4.78 -0.61
CA LEU A 51 -4.65 5.45 -1.83
C LEU A 51 -4.01 4.46 -2.79
N TYR A 52 -3.07 3.67 -2.29
CA TYR A 52 -2.38 2.68 -3.10
C TYR A 52 -3.36 1.89 -3.96
N TYR A 53 -4.47 1.49 -3.36
CA TYR A 53 -5.49 0.72 -4.07
C TYR A 53 -6.00 1.49 -5.29
N TYR A 54 -6.26 2.78 -5.09
CA TYR A 54 -6.76 3.64 -6.17
C TYR A 54 -5.71 3.77 -7.28
N LEU A 55 -4.48 4.07 -6.89
CA LEU A 55 -3.40 4.23 -7.84
C LEU A 55 -3.29 3.01 -8.76
N THR A 56 -3.34 1.82 -8.16
CA THR A 56 -3.26 0.59 -8.93
C THR A 56 -4.39 -0.36 -8.57
N LYS A 57 -5.59 -0.04 -9.03
CA LYS A 57 -6.77 -0.86 -8.77
C LYS A 57 -6.98 -1.89 -9.88
N LYS A 58 -6.31 -1.68 -11.01
CA LYS A 58 -6.42 -2.58 -12.14
C LYS A 58 -5.21 -2.45 -13.06
N ASN A 59 -4.57 -3.58 -13.35
CA ASN A 59 -3.40 -3.59 -14.23
C ASN A 59 -3.55 -4.63 -15.33
N GLU A 60 -3.90 -4.17 -16.53
CA GLU A 60 -4.09 -5.05 -17.67
C GLU A 60 -2.80 -5.79 -18.00
N ASN A 61 -2.89 -6.78 -18.88
CA ASN A 61 -1.72 -7.56 -19.28
C ASN A 61 -0.87 -6.80 -20.29
N GLY A 1 0.72 19.85 25.23
CA GLY A 1 0.63 20.07 23.80
C GLY A 1 1.68 19.32 23.02
N SER A 2 2.90 19.29 23.55
CA SER A 2 4.00 18.59 22.90
C SER A 2 3.51 17.34 22.19
N SER A 3 4.09 17.04 21.04
CA SER A 3 3.71 15.87 20.26
C SER A 3 4.82 14.83 20.27
N GLY A 4 4.46 13.59 19.94
CA GLY A 4 5.43 12.51 19.92
C GLY A 4 6.27 12.50 18.66
N SER A 5 7.39 13.22 18.69
CA SER A 5 8.28 13.30 17.53
C SER A 5 9.66 13.81 17.94
N SER A 6 10.69 13.32 17.26
CA SER A 6 12.05 13.72 17.56
C SER A 6 12.71 14.37 16.33
N GLY A 7 11.95 15.21 15.64
CA GLY A 7 12.46 15.88 14.47
C GLY A 7 12.36 15.03 13.23
N ASP A 8 11.17 14.52 12.95
CA ASP A 8 10.94 13.68 11.78
C ASP A 8 9.92 14.31 10.84
N ARG A 9 10.19 14.24 9.55
CA ARG A 9 9.29 14.81 8.54
C ARG A 9 9.37 14.03 7.23
N GLN A 10 8.25 13.47 6.82
CA GLN A 10 8.19 12.69 5.59
C GLN A 10 7.89 13.59 4.39
N PHE A 11 8.36 13.18 3.22
CA PHE A 11 8.15 13.95 1.99
C PHE A 11 7.35 13.14 0.98
N MET A 12 7.82 11.94 0.67
CA MET A 12 7.14 11.08 -0.29
C MET A 12 7.36 9.61 0.05
N ASN A 13 6.28 8.92 0.41
CA ASN A 13 6.35 7.51 0.76
C ASN A 13 5.85 6.63 -0.38
N VAL A 14 6.78 6.05 -1.14
CA VAL A 14 6.43 5.19 -2.26
C VAL A 14 6.20 3.76 -1.80
N TRP A 15 5.93 2.87 -2.75
CA TRP A 15 5.68 1.47 -2.45
C TRP A 15 6.77 0.59 -3.06
N THR A 16 7.35 -0.29 -2.24
CA THR A 16 8.40 -1.19 -2.70
C THR A 16 7.85 -2.59 -2.96
N ASP A 17 8.63 -3.40 -3.67
CA ASP A 17 8.21 -4.77 -3.98
C ASP A 17 7.72 -5.49 -2.73
N HIS A 18 8.59 -5.60 -1.74
CA HIS A 18 8.26 -6.27 -0.49
C HIS A 18 6.90 -5.80 0.03
N GLU A 19 6.85 -4.58 0.53
CA GLU A 19 5.62 -4.01 1.05
C GLU A 19 4.41 -4.47 0.23
N LYS A 20 4.53 -4.34 -1.09
CA LYS A 20 3.46 -4.75 -2.00
C LYS A 20 3.14 -6.23 -1.84
N GLU A 21 4.18 -7.07 -1.87
CA GLU A 21 4.00 -8.50 -1.72
C GLU A 21 3.02 -8.83 -0.59
N ILE A 22 3.24 -8.21 0.56
CA ILE A 22 2.38 -8.42 1.72
C ILE A 22 0.95 -7.97 1.44
N PHE A 23 0.78 -6.67 1.27
CA PHE A 23 -0.54 -6.10 0.98
C PHE A 23 -1.36 -7.04 0.11
N LYS A 24 -0.74 -7.53 -0.96
CA LYS A 24 -1.41 -8.44 -1.88
C LYS A 24 -2.17 -9.53 -1.11
N ASP A 25 -1.43 -10.36 -0.39
CA ASP A 25 -2.03 -11.44 0.39
C ASP A 25 -3.03 -10.89 1.41
N LYS A 26 -2.65 -9.78 2.05
CA LYS A 26 -3.51 -9.15 3.04
C LYS A 26 -4.90 -8.88 2.48
N PHE A 27 -4.94 -8.34 1.25
CA PHE A 27 -6.21 -8.04 0.60
C PHE A 27 -7.09 -9.28 0.51
N ILE A 28 -6.58 -10.32 -0.14
CA ILE A 28 -7.32 -11.57 -0.28
C ILE A 28 -7.94 -12.00 1.05
N GLN A 29 -7.13 -12.04 2.09
CA GLN A 29 -7.60 -12.43 3.42
C GLN A 29 -8.75 -11.54 3.87
N HIS A 30 -8.49 -10.24 3.97
CA HIS A 30 -9.50 -9.28 4.39
C HIS A 30 -9.59 -8.11 3.41
N PRO A 31 -10.34 -8.32 2.31
CA PRO A 31 -10.52 -7.29 1.28
C PRO A 31 -11.37 -6.12 1.77
N LYS A 32 -11.04 -4.92 1.28
CA LYS A 32 -11.77 -3.72 1.68
C LYS A 32 -11.64 -3.47 3.17
N ASN A 33 -10.51 -3.87 3.75
CA ASN A 33 -10.27 -3.68 5.17
C ASN A 33 -8.97 -2.91 5.40
N PHE A 34 -8.84 -1.76 4.76
CA PHE A 34 -7.65 -0.93 4.89
C PHE A 34 -7.24 -0.82 6.35
N GLY A 35 -8.21 -0.93 7.25
CA GLY A 35 -7.93 -0.84 8.67
C GLY A 35 -7.10 -2.00 9.18
N LEU A 36 -7.51 -3.21 8.82
CA LEU A 36 -6.80 -4.42 9.24
C LEU A 36 -5.46 -4.53 8.54
N ILE A 37 -5.46 -4.34 7.22
CA ILE A 37 -4.24 -4.42 6.44
C ILE A 37 -3.16 -3.50 7.00
N ALA A 38 -3.48 -2.23 7.14
CA ALA A 38 -2.54 -1.25 7.67
C ALA A 38 -1.91 -1.75 8.97
N SER A 39 -2.74 -2.29 9.85
CA SER A 39 -2.27 -2.80 11.13
C SER A 39 -0.96 -3.55 10.96
N TYR A 40 -0.91 -4.43 9.96
CA TYR A 40 0.28 -5.22 9.69
C TYR A 40 1.48 -4.32 9.42
N LEU A 41 1.39 -3.50 8.39
CA LEU A 41 2.47 -2.60 8.02
C LEU A 41 2.60 -1.47 9.04
N GLU A 42 3.84 -1.06 9.31
CA GLU A 42 4.09 0.01 10.27
C GLU A 42 4.39 1.32 9.55
N ARG A 43 4.79 1.22 8.29
CA ARG A 43 5.10 2.40 7.50
C ARG A 43 3.94 2.77 6.58
N LYS A 44 2.75 2.27 6.91
CA LYS A 44 1.56 2.55 6.12
C LYS A 44 0.37 2.87 7.02
N SER A 45 -0.23 4.04 6.81
CA SER A 45 -1.38 4.45 7.61
C SER A 45 -2.68 4.01 6.95
N VAL A 46 -3.80 4.31 7.62
CA VAL A 46 -5.10 3.93 7.10
C VAL A 46 -5.41 4.65 5.79
N PRO A 47 -5.40 6.00 5.84
CA PRO A 47 -5.66 6.83 4.66
C PRO A 47 -4.55 6.75 3.62
N ASP A 48 -3.44 6.12 4.00
CA ASP A 48 -2.30 5.97 3.10
C ASP A 48 -2.46 4.73 2.23
N CYS A 49 -3.36 3.85 2.62
CA CYS A 49 -3.62 2.62 1.87
C CYS A 49 -4.75 2.81 0.86
N VAL A 50 -5.78 3.54 1.28
CA VAL A 50 -6.93 3.80 0.42
C VAL A 50 -6.49 4.40 -0.92
N LEU A 51 -5.51 5.29 -0.85
CA LEU A 51 -5.00 5.94 -2.06
C LEU A 51 -4.22 4.96 -2.92
N TYR A 52 -3.24 4.30 -2.33
CA TYR A 52 -2.42 3.32 -3.04
C TYR A 52 -3.29 2.44 -3.94
N TYR A 53 -4.44 2.03 -3.42
CA TYR A 53 -5.35 1.18 -4.17
C TYR A 53 -5.94 1.94 -5.36
N TYR A 54 -6.60 3.06 -5.07
CA TYR A 54 -7.21 3.88 -6.12
C TYR A 54 -6.20 4.22 -7.20
N LEU A 55 -5.12 4.88 -6.80
CA LEU A 55 -4.08 5.28 -7.73
C LEU A 55 -3.63 4.09 -8.59
N THR A 56 -3.35 2.97 -7.94
CA THR A 56 -2.93 1.77 -8.65
C THR A 56 -4.11 0.93 -9.08
N LYS A 57 -5.25 1.59 -9.27
CA LYS A 57 -6.47 0.91 -9.68
C LYS A 57 -6.15 -0.25 -10.63
N LYS A 58 -5.14 -0.05 -11.47
CA LYS A 58 -4.73 -1.08 -12.42
C LYS A 58 -5.89 -1.49 -13.31
N ASN A 59 -6.52 -0.51 -13.97
CA ASN A 59 -7.64 -0.79 -14.85
C ASN A 59 -7.17 -1.25 -16.22
N GLU A 60 -7.07 -2.57 -16.39
CA GLU A 60 -6.63 -3.15 -17.65
C GLU A 60 -7.79 -3.80 -18.39
N ASN A 61 -8.92 -3.10 -18.44
CA ASN A 61 -10.11 -3.62 -19.11
C ASN A 61 -9.90 -3.67 -20.62
N GLY A 1 -1.60 -1.48 -16.62
CA GLY A 1 -1.21 -0.47 -15.65
C GLY A 1 -0.53 0.72 -16.29
N SER A 2 -1.20 1.87 -16.27
CA SER A 2 -0.65 3.09 -16.85
C SER A 2 0.81 3.27 -16.45
N SER A 3 1.07 3.35 -15.15
CA SER A 3 2.42 3.53 -14.65
C SER A 3 3.08 4.74 -15.28
N GLY A 4 2.28 5.77 -15.55
CA GLY A 4 2.81 6.98 -16.16
C GLY A 4 2.80 8.16 -15.20
N SER A 5 3.80 9.02 -15.32
CA SER A 5 3.91 10.20 -14.46
C SER A 5 3.57 11.46 -15.23
N SER A 6 2.47 12.11 -14.86
CA SER A 6 2.04 13.34 -15.52
C SER A 6 2.94 14.50 -15.14
N GLY A 7 3.23 14.63 -13.85
CA GLY A 7 4.08 15.71 -13.38
C GLY A 7 4.87 15.32 -12.15
N ASP A 8 5.29 16.31 -11.37
CA ASP A 8 6.06 16.07 -10.15
C ASP A 8 5.52 16.89 -8.99
N ARG A 9 4.86 16.23 -8.06
CA ARG A 9 4.29 16.90 -6.89
C ARG A 9 5.20 16.75 -5.68
N GLN A 10 6.51 16.88 -5.90
CA GLN A 10 7.48 16.76 -4.83
C GLN A 10 7.07 15.68 -3.83
N PHE A 11 6.54 14.58 -4.35
CA PHE A 11 6.11 13.47 -3.51
C PHE A 11 7.17 12.39 -3.42
N MET A 12 7.51 11.99 -2.21
CA MET A 12 8.52 10.97 -1.99
C MET A 12 7.89 9.59 -1.91
N ASN A 13 8.51 8.61 -2.56
CA ASN A 13 8.01 7.24 -2.55
C ASN A 13 8.46 6.48 -1.30
N VAL A 14 7.58 6.40 -0.32
CA VAL A 14 7.90 5.71 0.93
C VAL A 14 7.69 4.20 0.79
N TRP A 15 6.63 3.82 0.10
CA TRP A 15 6.31 2.41 -0.11
C TRP A 15 7.47 1.69 -0.80
N THR A 16 7.36 0.38 -0.91
CA THR A 16 8.41 -0.42 -1.55
C THR A 16 7.80 -1.58 -2.35
N ASP A 17 8.64 -2.28 -3.10
CA ASP A 17 8.19 -3.40 -3.91
C ASP A 17 7.63 -4.52 -3.03
N HIS A 18 8.39 -4.87 -1.98
CA HIS A 18 7.98 -5.91 -1.05
C HIS A 18 6.63 -5.59 -0.43
N GLU A 19 6.56 -4.49 0.30
CA GLU A 19 5.33 -4.07 0.95
C GLU A 19 4.11 -4.43 0.10
N LYS A 20 4.18 -4.07 -1.18
CA LYS A 20 3.09 -4.35 -2.11
C LYS A 20 2.58 -5.78 -1.93
N GLU A 21 3.50 -6.74 -1.94
CA GLU A 21 3.14 -8.15 -1.78
C GLU A 21 2.30 -8.35 -0.53
N ILE A 22 2.70 -7.70 0.56
CA ILE A 22 1.99 -7.81 1.83
C ILE A 22 0.63 -7.13 1.76
N PHE A 23 0.62 -5.88 1.31
CA PHE A 23 -0.62 -5.12 1.19
C PHE A 23 -1.67 -5.91 0.42
N LYS A 24 -1.26 -6.47 -0.71
CA LYS A 24 -2.16 -7.26 -1.54
C LYS A 24 -2.43 -8.62 -0.93
N ASP A 25 -1.36 -9.32 -0.55
CA ASP A 25 -1.48 -10.64 0.06
C ASP A 25 -2.68 -10.69 1.01
N LYS A 26 -2.81 -9.67 1.86
CA LYS A 26 -3.91 -9.60 2.81
C LYS A 26 -5.21 -9.22 2.12
N PHE A 27 -5.16 -8.13 1.34
CA PHE A 27 -6.34 -7.67 0.63
C PHE A 27 -7.14 -8.84 0.07
N ILE A 28 -6.45 -9.77 -0.57
CA ILE A 28 -7.11 -10.94 -1.15
C ILE A 28 -7.98 -11.64 -0.11
N GLN A 29 -7.44 -11.81 1.09
CA GLN A 29 -8.16 -12.47 2.16
C GLN A 29 -9.22 -11.54 2.76
N HIS A 30 -8.88 -10.25 2.85
CA HIS A 30 -9.81 -9.26 3.39
C HIS A 30 -9.87 -8.03 2.51
N PRO A 31 -10.66 -8.12 1.43
CA PRO A 31 -10.83 -7.02 0.47
C PRO A 31 -11.61 -5.85 1.06
N LYS A 32 -11.30 -4.64 0.60
CA LYS A 32 -11.97 -3.44 1.09
C LYS A 32 -11.70 -3.23 2.58
N ASN A 33 -10.57 -3.76 3.05
CA ASN A 33 -10.20 -3.62 4.45
C ASN A 33 -8.79 -3.04 4.58
N PHE A 34 -8.71 -1.72 4.65
CA PHE A 34 -7.43 -1.05 4.78
C PHE A 34 -6.90 -1.13 6.21
N GLY A 35 -7.76 -0.82 7.17
CA GLY A 35 -7.36 -0.87 8.57
C GLY A 35 -6.73 -2.20 8.93
N LEU A 36 -7.36 -3.30 8.55
CA LEU A 36 -6.86 -4.63 8.84
C LEU A 36 -5.42 -4.79 8.35
N ILE A 37 -5.21 -4.50 7.07
CA ILE A 37 -3.88 -4.60 6.48
C ILE A 37 -2.85 -3.82 7.28
N ALA A 38 -3.20 -2.58 7.63
CA ALA A 38 -2.31 -1.72 8.41
C ALA A 38 -1.65 -2.51 9.54
N SER A 39 -2.31 -3.57 9.99
CA SER A 39 -1.78 -4.40 11.07
C SER A 39 -0.54 -5.15 10.61
N TYR A 40 -0.63 -5.81 9.47
CA TYR A 40 0.50 -6.56 8.92
C TYR A 40 1.55 -5.63 8.36
N LEU A 41 1.10 -4.51 7.79
CA LEU A 41 2.02 -3.53 7.21
C LEU A 41 3.05 -3.06 8.23
N GLU A 42 3.86 -2.09 7.84
CA GLU A 42 4.89 -1.56 8.73
C GLU A 42 4.30 -0.49 9.66
N ARG A 43 3.03 -0.63 9.98
CA ARG A 43 2.34 0.32 10.85
C ARG A 43 2.05 1.62 10.12
N LYS A 44 1.44 1.52 8.95
CA LYS A 44 1.11 2.69 8.15
C LYS A 44 -0.26 3.24 8.53
N SER A 45 -0.61 4.40 7.99
CA SER A 45 -1.88 5.03 8.28
C SER A 45 -3.01 4.35 7.52
N VAL A 46 -4.24 4.52 8.01
CA VAL A 46 -5.41 3.92 7.36
C VAL A 46 -5.66 4.54 6.00
N PRO A 47 -5.86 5.86 5.97
CA PRO A 47 -6.12 6.61 4.74
C PRO A 47 -4.89 6.68 3.83
N ASP A 48 -3.81 6.02 4.26
CA ASP A 48 -2.57 6.01 3.49
C ASP A 48 -2.57 4.86 2.50
N CYS A 49 -3.15 3.73 2.90
CA CYS A 49 -3.21 2.55 2.04
C CYS A 49 -4.30 2.71 0.99
N VAL A 50 -5.42 3.30 1.37
CA VAL A 50 -6.54 3.50 0.46
C VAL A 50 -6.05 3.92 -0.92
N LEU A 51 -5.23 4.97 -0.95
CA LEU A 51 -4.69 5.48 -2.22
C LEU A 51 -4.10 4.34 -3.04
N TYR A 52 -3.15 3.61 -2.45
CA TYR A 52 -2.50 2.50 -3.14
C TYR A 52 -3.50 1.72 -3.98
N TYR A 53 -4.56 1.25 -3.34
CA TYR A 53 -5.60 0.48 -4.03
C TYR A 53 -5.91 1.09 -5.38
N TYR A 54 -6.10 2.41 -5.40
CA TYR A 54 -6.40 3.11 -6.64
C TYR A 54 -5.24 3.03 -7.62
N LEU A 55 -4.08 3.48 -7.17
CA LEU A 55 -2.87 3.47 -8.01
C LEU A 55 -2.78 2.17 -8.79
N THR A 56 -2.96 1.05 -8.11
CA THR A 56 -2.89 -0.27 -8.73
C THR A 56 -3.49 -0.23 -10.14
N LYS A 57 -4.70 0.31 -10.24
CA LYS A 57 -5.38 0.41 -11.53
C LYS A 57 -6.69 1.18 -11.39
N LYS A 58 -6.79 2.29 -12.11
CA LYS A 58 -8.00 3.11 -12.08
C LYS A 58 -8.88 2.84 -13.29
N ASN A 59 -10.01 2.18 -13.07
CA ASN A 59 -10.93 1.86 -14.16
C ASN A 59 -12.13 2.80 -14.13
N GLU A 60 -12.29 3.59 -15.19
CA GLU A 60 -13.40 4.52 -15.29
C GLU A 60 -14.15 4.35 -16.61
N ASN A 61 -15.46 4.15 -16.52
CA ASN A 61 -16.29 3.97 -17.70
C ASN A 61 -17.29 5.12 -17.85
N GLY A 1 -12.05 16.81 12.67
CA GLY A 1 -10.73 16.94 12.08
C GLY A 1 -9.73 15.98 12.68
N SER A 2 -9.37 14.95 11.91
CA SER A 2 -8.42 13.95 12.36
C SER A 2 -6.98 14.47 12.26
N SER A 3 -6.05 13.77 12.89
CA SER A 3 -4.65 14.16 12.87
C SER A 3 -4.17 14.38 11.44
N GLY A 4 -2.94 14.86 11.30
CA GLY A 4 -2.38 15.11 9.98
C GLY A 4 -1.03 14.46 9.79
N SER A 5 -0.47 14.58 8.60
CA SER A 5 0.84 14.00 8.29
C SER A 5 1.66 14.94 7.41
N SER A 6 2.89 15.19 7.83
CA SER A 6 3.78 16.07 7.09
C SER A 6 4.74 15.27 6.21
N GLY A 7 5.13 15.85 5.09
CA GLY A 7 6.04 15.19 4.18
C GLY A 7 7.07 16.13 3.58
N ASP A 8 8.26 16.15 4.18
CA ASP A 8 9.33 17.01 3.70
C ASP A 8 9.81 16.57 2.32
N ARG A 9 10.04 15.27 2.17
CA ARG A 9 10.50 14.71 0.90
C ARG A 9 9.57 15.11 -0.25
N GLN A 10 10.15 15.54 -1.36
CA GLN A 10 9.37 15.95 -2.52
C GLN A 10 8.32 14.91 -2.87
N PHE A 11 8.72 13.64 -2.86
CA PHE A 11 7.81 12.54 -3.18
C PHE A 11 7.55 11.69 -1.96
N MET A 12 6.43 10.96 -1.97
CA MET A 12 6.07 10.10 -0.86
C MET A 12 5.82 8.67 -1.34
N ASN A 13 6.89 7.90 -1.48
CA ASN A 13 6.79 6.52 -1.93
C ASN A 13 7.48 5.58 -0.96
N VAL A 14 6.78 4.52 -0.57
CA VAL A 14 7.33 3.53 0.37
C VAL A 14 7.38 2.14 -0.28
N TRP A 15 6.24 1.68 -0.75
CA TRP A 15 6.16 0.36 -1.38
C TRP A 15 7.34 0.12 -2.30
N THR A 16 8.15 -0.88 -1.98
CA THR A 16 9.33 -1.21 -2.77
C THR A 16 9.15 -2.54 -3.50
N ASP A 17 9.26 -3.64 -2.75
CA ASP A 17 9.10 -4.97 -3.32
C ASP A 17 8.21 -5.83 -2.44
N HIS A 18 8.55 -5.92 -1.16
CA HIS A 18 7.77 -6.71 -0.22
C HIS A 18 6.54 -5.95 0.26
N GLU A 19 6.76 -4.73 0.75
CA GLU A 19 5.68 -3.89 1.25
C GLU A 19 4.50 -3.91 0.28
N LYS A 20 4.79 -4.15 -0.99
CA LYS A 20 3.75 -4.19 -2.02
C LYS A 20 3.18 -5.60 -2.15
N GLU A 21 4.02 -6.60 -1.89
CA GLU A 21 3.58 -7.99 -1.98
C GLU A 21 2.70 -8.37 -0.80
N ILE A 22 2.84 -7.63 0.31
CA ILE A 22 2.05 -7.89 1.50
C ILE A 22 0.59 -7.52 1.28
N PHE A 23 0.34 -6.27 0.94
CA PHE A 23 -1.02 -5.79 0.70
C PHE A 23 -1.81 -6.79 -0.13
N LYS A 24 -1.18 -7.31 -1.18
CA LYS A 24 -1.82 -8.29 -2.05
C LYS A 24 -2.31 -9.49 -1.26
N ASP A 25 -1.42 -10.06 -0.45
CA ASP A 25 -1.77 -11.22 0.37
C ASP A 25 -2.80 -10.86 1.42
N LYS A 26 -2.43 -9.94 2.32
CA LYS A 26 -3.33 -9.50 3.38
C LYS A 26 -4.76 -9.39 2.87
N PHE A 27 -4.93 -8.73 1.72
CA PHE A 27 -6.24 -8.56 1.11
C PHE A 27 -6.97 -9.89 0.98
N ILE A 28 -6.38 -10.79 0.21
CA ILE A 28 -6.97 -12.11 0.01
C ILE A 28 -7.55 -12.67 1.30
N GLN A 29 -6.71 -12.74 2.33
CA GLN A 29 -7.14 -13.25 3.63
C GLN A 29 -8.26 -12.42 4.20
N HIS A 30 -8.01 -11.12 4.37
CA HIS A 30 -9.01 -10.21 4.92
C HIS A 30 -9.47 -9.21 3.85
N PRO A 31 -10.40 -9.66 2.99
CA PRO A 31 -10.94 -8.83 1.91
C PRO A 31 -11.83 -7.71 2.43
N LYS A 32 -11.70 -6.52 1.84
CA LYS A 32 -12.49 -5.37 2.25
C LYS A 32 -12.17 -4.97 3.69
N ASN A 33 -10.89 -5.07 4.05
CA ASN A 33 -10.45 -4.71 5.39
C ASN A 33 -9.23 -3.80 5.34
N PHE A 34 -9.46 -2.50 5.19
CA PHE A 34 -8.39 -1.53 5.12
C PHE A 34 -7.71 -1.38 6.48
N GLY A 35 -8.51 -1.16 7.51
CA GLY A 35 -7.97 -1.01 8.86
C GLY A 35 -7.13 -2.18 9.28
N LEU A 36 -7.65 -3.38 9.11
CA LEU A 36 -6.93 -4.60 9.47
C LEU A 36 -5.58 -4.67 8.78
N ILE A 37 -5.60 -4.64 7.45
CA ILE A 37 -4.37 -4.70 6.67
C ILE A 37 -3.38 -3.62 7.13
N ALA A 38 -3.82 -2.37 7.09
CA ALA A 38 -2.99 -1.26 7.50
C ALA A 38 -2.27 -1.56 8.81
N SER A 39 -3.02 -2.07 9.79
CA SER A 39 -2.45 -2.39 11.09
C SER A 39 -1.09 -3.07 10.94
N TYR A 40 -1.01 -4.05 10.04
CA TYR A 40 0.23 -4.76 9.81
C TYR A 40 1.35 -3.81 9.44
N LEU A 41 1.09 -2.93 8.48
CA LEU A 41 2.08 -1.95 8.03
C LEU A 41 2.15 -0.77 9.00
N GLU A 42 2.81 -0.97 10.13
CA GLU A 42 2.95 0.07 11.13
C GLU A 42 3.52 1.34 10.52
N ARG A 43 4.56 1.19 9.71
CA ARG A 43 5.20 2.32 9.05
C ARG A 43 4.15 3.27 8.46
N LYS A 44 3.34 2.74 7.55
CA LYS A 44 2.30 3.54 6.91
C LYS A 44 1.08 3.67 7.81
N SER A 45 0.08 4.41 7.35
CA SER A 45 -1.14 4.62 8.12
C SER A 45 -2.34 4.01 7.40
N VAL A 46 -3.52 4.14 8.01
CA VAL A 46 -4.74 3.61 7.43
C VAL A 46 -5.07 4.28 6.11
N PRO A 47 -5.21 5.62 6.14
CA PRO A 47 -5.52 6.41 4.95
C PRO A 47 -4.35 6.47 3.97
N ASP A 48 -3.28 5.76 4.30
CA ASP A 48 -2.10 5.72 3.44
C ASP A 48 -2.27 4.72 2.32
N CYS A 49 -2.92 3.59 2.62
CA CYS A 49 -3.16 2.55 1.63
C CYS A 49 -4.28 2.94 0.68
N VAL A 50 -5.30 3.58 1.22
CA VAL A 50 -6.45 4.01 0.42
C VAL A 50 -6.00 4.48 -0.96
N LEU A 51 -5.14 5.50 -0.98
CA LEU A 51 -4.63 6.05 -2.24
C LEU A 51 -4.01 4.95 -3.10
N TYR A 52 -3.12 4.17 -2.50
CA TYR A 52 -2.45 3.09 -3.21
C TYR A 52 -3.44 2.27 -4.03
N TYR A 53 -4.50 1.81 -3.37
CA TYR A 53 -5.53 1.02 -4.04
C TYR A 53 -5.98 1.69 -5.34
N TYR A 54 -6.39 2.95 -5.23
CA TYR A 54 -6.84 3.71 -6.39
C TYR A 54 -5.75 3.79 -7.45
N LEU A 55 -4.57 4.22 -7.04
CA LEU A 55 -3.43 4.34 -7.95
C LEU A 55 -3.26 3.07 -8.77
N THR A 56 -3.30 1.93 -8.10
CA THR A 56 -3.14 0.64 -8.75
C THR A 56 -4.29 -0.30 -8.40
N LYS A 57 -5.46 -0.04 -8.97
CA LYS A 57 -6.63 -0.88 -8.71
C LYS A 57 -6.83 -1.89 -9.82
N LYS A 58 -6.68 -1.44 -11.07
CA LYS A 58 -6.84 -2.32 -12.22
C LYS A 58 -6.04 -3.60 -12.04
N ASN A 59 -4.86 -3.49 -11.45
CA ASN A 59 -4.00 -4.65 -11.22
C ASN A 59 -4.80 -5.80 -10.62
N GLU A 60 -5.66 -5.49 -9.66
CA GLU A 60 -6.49 -6.49 -9.00
C GLU A 60 -7.97 -6.22 -9.23
N ASN A 61 -8.56 -6.97 -10.16
CA ASN A 61 -9.98 -6.80 -10.48
C ASN A 61 -10.84 -7.11 -9.26
N GLY A 1 3.06 15.62 18.22
CA GLY A 1 4.12 16.61 18.18
C GLY A 1 4.24 17.27 16.83
N SER A 2 5.09 18.30 16.75
CA SER A 2 5.29 19.02 15.50
C SER A 2 6.78 19.27 15.26
N SER A 3 7.27 18.77 14.13
CA SER A 3 8.68 18.94 13.78
C SER A 3 8.83 19.69 12.47
N GLY A 4 10.05 20.09 12.15
CA GLY A 4 10.31 20.81 10.91
C GLY A 4 11.78 20.90 10.59
N SER A 5 12.23 20.11 9.62
CA SER A 5 13.63 20.09 9.21
C SER A 5 13.88 21.10 8.09
N SER A 6 14.01 22.37 8.47
CA SER A 6 14.26 23.42 7.49
C SER A 6 13.13 23.46 6.45
N GLY A 7 11.90 23.31 6.91
CA GLY A 7 10.77 23.33 6.01
C GLY A 7 9.69 22.35 6.41
N ASP A 8 8.43 22.77 6.33
CA ASP A 8 7.30 21.92 6.69
C ASP A 8 6.81 21.14 5.47
N ARG A 9 7.76 20.63 4.69
CA ARG A 9 7.42 19.86 3.50
C ARG A 9 8.17 18.52 3.48
N GLN A 10 7.58 17.54 2.81
CA GLN A 10 8.19 16.22 2.72
C GLN A 10 7.64 15.43 1.53
N PHE A 11 8.53 14.85 0.74
CA PHE A 11 8.13 14.08 -0.43
C PHE A 11 9.00 12.84 -0.58
N MET A 12 8.36 11.66 -0.53
CA MET A 12 9.07 10.40 -0.66
C MET A 12 8.10 9.25 -0.84
N ASN A 13 8.48 8.27 -1.66
CA ASN A 13 7.64 7.11 -1.92
C ASN A 13 7.95 5.98 -0.95
N VAL A 14 7.27 5.97 0.19
CA VAL A 14 7.47 4.95 1.21
C VAL A 14 7.08 3.57 0.68
N TRP A 15 5.95 3.51 -0.03
CA TRP A 15 5.46 2.26 -0.58
C TRP A 15 6.54 1.58 -1.43
N THR A 16 6.99 0.41 -0.97
CA THR A 16 8.02 -0.34 -1.69
C THR A 16 7.48 -1.67 -2.20
N ASP A 17 8.27 -2.34 -3.02
CA ASP A 17 7.88 -3.64 -3.57
C ASP A 17 7.55 -4.63 -2.45
N HIS A 18 8.49 -4.81 -1.53
CA HIS A 18 8.30 -5.73 -0.41
C HIS A 18 6.95 -5.50 0.25
N GLU A 19 6.67 -4.25 0.61
CA GLU A 19 5.41 -3.91 1.26
C GLU A 19 4.22 -4.37 0.42
N LYS A 20 4.15 -3.90 -0.82
CA LYS A 20 3.08 -4.26 -1.72
C LYS A 20 2.75 -5.75 -1.62
N GLU A 21 3.78 -6.58 -1.77
CA GLU A 21 3.61 -8.03 -1.70
C GLU A 21 2.61 -8.40 -0.59
N ILE A 22 2.89 -7.92 0.62
CA ILE A 22 2.01 -8.21 1.75
C ILE A 22 0.62 -7.65 1.53
N PHE A 23 0.54 -6.34 1.27
CA PHE A 23 -0.74 -5.68 1.04
C PHE A 23 -1.66 -6.56 0.19
N LYS A 24 -1.13 -7.04 -0.93
CA LYS A 24 -1.90 -7.90 -1.83
C LYS A 24 -2.38 -9.16 -1.11
N ASP A 25 -1.44 -9.85 -0.47
CA ASP A 25 -1.77 -11.08 0.25
C ASP A 25 -2.87 -10.82 1.27
N LYS A 26 -2.66 -9.84 2.15
CA LYS A 26 -3.64 -9.50 3.17
C LYS A 26 -5.00 -9.22 2.55
N PHE A 27 -5.06 -8.22 1.68
CA PHE A 27 -6.30 -7.85 1.02
C PHE A 27 -7.14 -9.09 0.70
N ILE A 28 -6.52 -10.06 0.04
CA ILE A 28 -7.20 -11.29 -0.31
C ILE A 28 -7.92 -11.89 0.89
N GLN A 29 -7.15 -12.25 1.91
CA GLN A 29 -7.71 -12.84 3.12
C GLN A 29 -8.78 -11.93 3.72
N HIS A 30 -8.44 -10.66 3.90
CA HIS A 30 -9.37 -9.69 4.46
C HIS A 30 -9.66 -8.56 3.48
N PRO A 31 -10.66 -8.78 2.61
CA PRO A 31 -11.05 -7.79 1.59
C PRO A 31 -11.71 -6.56 2.22
N LYS A 32 -11.25 -5.39 1.79
CA LYS A 32 -11.80 -4.13 2.29
C LYS A 32 -11.52 -3.98 3.79
N ASN A 33 -10.33 -4.41 4.21
CA ASN A 33 -9.95 -4.32 5.61
C ASN A 33 -8.70 -3.46 5.78
N PHE A 34 -8.65 -2.35 5.05
CA PHE A 34 -7.52 -1.43 5.11
C PHE A 34 -6.99 -1.33 6.54
N GLY A 35 -7.91 -1.30 7.50
CA GLY A 35 -7.52 -1.20 8.90
C GLY A 35 -6.67 -2.38 9.35
N LEU A 36 -7.29 -3.55 9.43
CA LEU A 36 -6.60 -4.76 9.85
C LEU A 36 -5.30 -4.95 9.05
N ILE A 37 -5.39 -4.75 7.75
CA ILE A 37 -4.23 -4.90 6.87
C ILE A 37 -3.08 -4.02 7.34
N ALA A 38 -3.32 -2.71 7.38
CA ALA A 38 -2.30 -1.75 7.80
C ALA A 38 -1.54 -2.28 9.02
N SER A 39 -2.28 -2.61 10.08
CA SER A 39 -1.66 -3.11 11.30
C SER A 39 -0.52 -4.09 10.98
N TYR A 40 -0.75 -4.95 10.00
CA TYR A 40 0.25 -5.93 9.60
C TYR A 40 1.43 -5.25 8.91
N LEU A 41 1.13 -4.37 7.97
CA LEU A 41 2.16 -3.65 7.23
C LEU A 41 3.17 -3.01 8.19
N GLU A 42 4.33 -2.64 7.66
CA GLU A 42 5.37 -2.02 8.45
C GLU A 42 4.89 -0.71 9.05
N ARG A 43 4.84 0.33 8.23
CA ARG A 43 4.40 1.66 8.67
C ARG A 43 3.42 2.26 7.67
N LYS A 44 2.20 1.75 7.65
CA LYS A 44 1.18 2.24 6.74
C LYS A 44 -0.02 2.81 7.51
N SER A 45 -0.90 3.50 6.81
CA SER A 45 -2.08 4.09 7.43
C SER A 45 -3.34 3.71 6.66
N VAL A 46 -4.47 3.72 7.36
CA VAL A 46 -5.75 3.37 6.75
C VAL A 46 -6.00 4.21 5.50
N PRO A 47 -6.00 5.54 5.66
CA PRO A 47 -6.23 6.48 4.56
C PRO A 47 -5.07 6.50 3.57
N ASP A 48 -3.98 5.82 3.92
CA ASP A 48 -2.81 5.75 3.06
C ASP A 48 -2.94 4.63 2.03
N CYS A 49 -3.40 3.47 2.49
CA CYS A 49 -3.57 2.32 1.62
C CYS A 49 -4.55 2.63 0.49
N VAL A 50 -5.66 3.28 0.85
CA VAL A 50 -6.68 3.64 -0.14
C VAL A 50 -6.05 4.30 -1.35
N LEU A 51 -5.21 5.30 -1.12
CA LEU A 51 -4.55 6.03 -2.20
C LEU A 51 -3.91 5.06 -3.18
N TYR A 52 -3.00 4.22 -2.69
CA TYR A 52 -2.32 3.24 -3.52
C TYR A 52 -3.32 2.48 -4.39
N TYR A 53 -4.31 1.87 -3.76
CA TYR A 53 -5.33 1.11 -4.46
C TYR A 53 -5.88 1.90 -5.64
N TYR A 54 -6.11 3.19 -5.41
CA TYR A 54 -6.65 4.06 -6.44
C TYR A 54 -5.65 4.23 -7.59
N LEU A 55 -4.41 4.52 -7.24
CA LEU A 55 -3.35 4.69 -8.24
C LEU A 55 -3.22 3.45 -9.12
N THR A 56 -3.22 2.28 -8.49
CA THR A 56 -3.10 1.03 -9.21
C THR A 56 -4.31 0.79 -10.11
N LYS A 57 -5.50 1.01 -9.56
CA LYS A 57 -6.73 0.82 -10.31
C LYS A 57 -6.57 1.28 -11.76
N LYS A 58 -5.93 2.43 -11.94
CA LYS A 58 -5.71 2.98 -13.27
C LYS A 58 -6.92 2.74 -14.17
N ASN A 59 -8.10 2.93 -13.61
CA ASN A 59 -9.34 2.74 -14.37
C ASN A 59 -9.73 4.01 -15.12
N GLU A 60 -9.35 4.07 -16.40
CA GLU A 60 -9.66 5.24 -17.23
C GLU A 60 -11.16 5.46 -17.32
N ASN A 61 -11.57 6.66 -17.70
CA ASN A 61 -12.97 7.00 -17.84
C ASN A 61 -13.23 7.76 -19.13
N GLY A 1 9.65 -19.16 -8.94
CA GLY A 1 9.63 -17.80 -9.45
C GLY A 1 8.65 -16.92 -8.71
N SER A 2 8.59 -15.65 -9.10
CA SER A 2 7.70 -14.69 -8.46
C SER A 2 6.24 -15.07 -8.69
N SER A 3 5.45 -15.06 -7.63
CA SER A 3 4.03 -15.40 -7.72
C SER A 3 3.42 -14.85 -9.01
N GLY A 4 3.67 -13.57 -9.27
CA GLY A 4 3.14 -12.93 -10.45
C GLY A 4 2.66 -11.51 -10.20
N SER A 5 3.61 -10.57 -10.21
CA SER A 5 3.28 -9.17 -9.97
C SER A 5 3.34 -8.36 -11.27
N SER A 6 2.20 -8.26 -11.94
CA SER A 6 2.13 -7.52 -13.20
C SER A 6 1.83 -6.05 -12.95
N GLY A 7 2.12 -5.22 -13.94
CA GLY A 7 1.88 -3.79 -13.80
C GLY A 7 2.63 -3.18 -12.65
N ASP A 8 3.95 -3.03 -12.81
CA ASP A 8 4.79 -2.45 -11.76
C ASP A 8 5.30 -1.08 -12.18
N ARG A 9 4.44 -0.28 -12.79
CA ARG A 9 4.81 1.05 -13.24
C ARG A 9 3.85 2.10 -12.70
N GLN A 10 4.40 3.12 -12.03
CA GLN A 10 3.58 4.18 -11.47
C GLN A 10 4.41 5.46 -11.30
N PHE A 11 3.89 6.55 -11.85
CA PHE A 11 4.57 7.84 -11.77
C PHE A 11 5.08 8.10 -10.35
N MET A 12 6.38 8.35 -10.24
CA MET A 12 6.98 8.62 -8.93
C MET A 12 6.78 7.44 -7.98
N ASN A 13 6.92 6.23 -8.52
CA ASN A 13 6.76 5.01 -7.73
C ASN A 13 7.55 5.10 -6.42
N VAL A 14 6.87 4.89 -5.30
CA VAL A 14 7.51 4.94 -4.00
C VAL A 14 7.39 3.61 -3.28
N TRP A 15 6.22 2.99 -3.36
CA TRP A 15 5.97 1.72 -2.70
C TRP A 15 7.01 0.68 -3.14
N THR A 16 7.39 -0.20 -2.22
CA THR A 16 8.38 -1.23 -2.51
C THR A 16 7.72 -2.60 -2.63
N ASP A 17 8.20 -3.40 -3.57
CA ASP A 17 7.65 -4.74 -3.78
C ASP A 17 7.30 -5.40 -2.45
N HIS A 18 8.20 -5.29 -1.48
CA HIS A 18 7.98 -5.88 -0.17
C HIS A 18 6.65 -5.42 0.42
N GLU A 19 6.46 -4.11 0.49
CA GLU A 19 5.23 -3.54 1.03
C GLU A 19 4.02 -4.03 0.25
N LYS A 20 3.98 -3.69 -1.04
CA LYS A 20 2.86 -4.10 -1.89
C LYS A 20 2.47 -5.55 -1.62
N GLU A 21 3.44 -6.46 -1.77
CA GLU A 21 3.19 -7.87 -1.54
C GLU A 21 2.33 -8.08 -0.29
N ILE A 22 2.66 -7.35 0.77
CA ILE A 22 1.93 -7.46 2.03
C ILE A 22 0.47 -7.03 1.85
N PHE A 23 0.28 -5.84 1.28
CA PHE A 23 -1.06 -5.32 1.06
C PHE A 23 -1.94 -6.34 0.35
N LYS A 24 -1.41 -6.93 -0.72
CA LYS A 24 -2.13 -7.92 -1.49
C LYS A 24 -2.28 -9.23 -0.71
N ASP A 25 -1.19 -9.63 -0.05
CA ASP A 25 -1.20 -10.86 0.75
C ASP A 25 -2.38 -10.87 1.70
N LYS A 26 -2.49 -9.82 2.52
CA LYS A 26 -3.58 -9.72 3.48
C LYS A 26 -4.92 -9.59 2.78
N PHE A 27 -4.95 -8.80 1.72
CA PHE A 27 -6.18 -8.58 0.96
C PHE A 27 -6.95 -9.89 0.77
N ILE A 28 -6.24 -10.93 0.34
CA ILE A 28 -6.85 -12.24 0.13
C ILE A 28 -7.58 -12.70 1.38
N GLN A 29 -6.85 -12.91 2.46
CA GLN A 29 -7.43 -13.36 3.71
C GLN A 29 -8.59 -12.44 4.13
N HIS A 30 -8.39 -11.14 3.93
CA HIS A 30 -9.42 -10.16 4.29
C HIS A 30 -9.59 -9.13 3.18
N PRO A 31 -10.43 -9.48 2.19
CA PRO A 31 -10.71 -8.59 1.05
C PRO A 31 -11.53 -7.37 1.45
N LYS A 32 -11.19 -6.23 0.86
CA LYS A 32 -11.89 -4.99 1.16
C LYS A 32 -11.80 -4.64 2.64
N ASN A 33 -10.64 -4.90 3.23
CA ASN A 33 -10.42 -4.62 4.64
C ASN A 33 -9.10 -3.89 4.86
N PHE A 34 -8.95 -2.73 4.23
CA PHE A 34 -7.73 -1.95 4.35
C PHE A 34 -7.35 -1.74 5.81
N GLY A 35 -8.37 -1.50 6.64
CA GLY A 35 -8.13 -1.28 8.06
C GLY A 35 -7.20 -2.32 8.65
N LEU A 36 -7.58 -3.59 8.54
CA LEU A 36 -6.76 -4.68 9.06
C LEU A 36 -5.44 -4.80 8.30
N ILE A 37 -5.55 -4.94 6.98
CA ILE A 37 -4.36 -5.07 6.14
C ILE A 37 -3.26 -4.13 6.60
N ALA A 38 -3.55 -2.83 6.61
CA ALA A 38 -2.59 -1.82 7.03
C ALA A 38 -1.99 -2.17 8.39
N SER A 39 -2.84 -2.62 9.30
CA SER A 39 -2.40 -2.98 10.65
C SER A 39 -1.04 -3.69 10.60
N TYR A 40 -0.87 -4.55 9.60
CA TYR A 40 0.37 -5.29 9.44
C TYR A 40 1.54 -4.35 9.13
N LEU A 41 1.34 -3.48 8.15
CA LEU A 41 2.37 -2.52 7.76
C LEU A 41 2.95 -1.81 8.98
N GLU A 42 4.25 -1.57 8.96
CA GLU A 42 4.92 -0.88 10.07
C GLU A 42 4.93 0.63 9.85
N ARG A 43 5.30 1.04 8.63
CA ARG A 43 5.36 2.45 8.30
C ARG A 43 4.06 2.91 7.64
N LYS A 44 3.67 2.24 6.57
CA LYS A 44 2.45 2.58 5.85
C LYS A 44 1.25 2.60 6.80
N SER A 45 0.38 3.59 6.63
CA SER A 45 -0.80 3.73 7.47
C SER A 45 -2.06 3.29 6.72
N VAL A 46 -3.19 3.30 7.41
CA VAL A 46 -4.45 2.91 6.82
C VAL A 46 -4.87 3.88 5.71
N PRO A 47 -5.00 5.16 6.08
CA PRO A 47 -5.39 6.22 5.14
C PRO A 47 -4.30 6.51 4.12
N ASP A 48 -3.14 5.87 4.28
CA ASP A 48 -2.01 6.07 3.38
C ASP A 48 -2.03 5.03 2.27
N CYS A 49 -2.21 3.77 2.64
CA CYS A 49 -2.25 2.68 1.68
C CYS A 49 -3.47 2.79 0.76
N VAL A 50 -4.62 3.10 1.35
CA VAL A 50 -5.85 3.24 0.60
C VAL A 50 -5.61 3.93 -0.73
N LEU A 51 -4.74 4.95 -0.72
CA LEU A 51 -4.42 5.69 -1.93
C LEU A 51 -4.06 4.74 -3.07
N TYR A 52 -2.99 3.97 -2.89
CA TYR A 52 -2.55 3.02 -3.90
C TYR A 52 -3.74 2.34 -4.58
N TYR A 53 -4.57 1.68 -3.78
CA TYR A 53 -5.74 0.99 -4.30
C TYR A 53 -6.46 1.85 -5.34
N TYR A 54 -6.62 3.13 -5.03
CA TYR A 54 -7.29 4.05 -5.93
C TYR A 54 -6.48 4.27 -7.20
N LEU A 55 -5.20 4.58 -7.02
CA LEU A 55 -4.31 4.82 -8.15
C LEU A 55 -4.26 3.60 -9.07
N THR A 56 -3.83 2.47 -8.53
CA THR A 56 -3.75 1.23 -9.30
C THR A 56 -5.08 0.91 -9.97
N LYS A 57 -6.18 1.13 -9.25
CA LYS A 57 -7.51 0.87 -9.78
C LYS A 57 -7.69 1.52 -11.14
N LYS A 58 -7.29 2.79 -11.24
CA LYS A 58 -7.41 3.53 -12.50
C LYS A 58 -6.15 4.34 -12.77
N ASN A 59 -5.48 4.02 -13.88
CA ASN A 59 -4.25 4.71 -14.26
C ASN A 59 -4.22 4.97 -15.76
N GLU A 60 -3.18 5.66 -16.21
CA GLU A 60 -3.03 5.98 -17.63
C GLU A 60 -2.00 5.07 -18.28
N ASN A 61 -2.45 4.24 -19.22
CA ASN A 61 -1.58 3.31 -19.92
C ASN A 61 -0.66 4.06 -20.88
N GLY A 1 16.15 6.25 -13.68
CA GLY A 1 16.51 6.79 -12.38
C GLY A 1 15.50 7.79 -11.86
N SER A 2 15.70 8.25 -10.64
CA SER A 2 14.79 9.21 -10.02
C SER A 2 15.55 10.44 -9.53
N SER A 3 15.00 11.62 -9.82
CA SER A 3 15.62 12.87 -9.41
C SER A 3 14.56 13.90 -9.01
N GLY A 4 14.98 14.89 -8.23
CA GLY A 4 14.06 15.92 -7.78
C GLY A 4 14.33 16.36 -6.36
N SER A 5 13.44 15.96 -5.45
CA SER A 5 13.57 16.33 -4.05
C SER A 5 14.96 15.97 -3.52
N SER A 6 15.64 16.95 -2.94
CA SER A 6 16.98 16.74 -2.40
C SER A 6 17.33 17.81 -1.38
N GLY A 7 18.31 17.51 -0.53
CA GLY A 7 18.72 18.46 0.49
C GLY A 7 17.55 19.14 1.16
N ASP A 8 16.49 18.38 1.42
CA ASP A 8 15.30 18.90 2.06
C ASP A 8 14.86 18.03 3.22
N ARG A 9 13.93 18.52 4.03
CA ARG A 9 13.43 17.78 5.17
C ARG A 9 12.14 17.04 4.82
N GLN A 10 12.15 16.37 3.67
CA GLN A 10 10.97 15.62 3.22
C GLN A 10 11.38 14.25 2.68
N PHE A 11 10.41 13.33 2.62
CA PHE A 11 10.66 11.98 2.14
C PHE A 11 9.61 11.57 1.12
N MET A 12 10.07 11.28 -0.10
CA MET A 12 9.16 10.86 -1.17
C MET A 12 8.42 9.59 -0.78
N ASN A 13 7.27 9.38 -1.41
CA ASN A 13 6.45 8.20 -1.14
C ASN A 13 6.72 7.10 -2.16
N VAL A 14 6.97 5.89 -1.67
CA VAL A 14 7.24 4.75 -2.55
C VAL A 14 7.00 3.44 -1.83
N TRP A 15 6.28 2.54 -2.49
CA TRP A 15 5.96 1.23 -1.91
C TRP A 15 7.02 0.20 -2.27
N THR A 16 7.86 -0.14 -1.31
CA THR A 16 8.93 -1.11 -1.54
C THR A 16 8.36 -2.48 -1.94
N ASP A 17 9.09 -3.20 -2.77
CA ASP A 17 8.67 -4.51 -3.22
C ASP A 17 8.42 -5.44 -2.04
N HIS A 18 9.12 -5.20 -0.95
CA HIS A 18 8.97 -6.01 0.25
C HIS A 18 7.70 -5.64 1.02
N GLU A 19 7.04 -4.56 0.58
CA GLU A 19 5.83 -4.09 1.23
C GLU A 19 4.60 -4.44 0.38
N LYS A 20 4.64 -4.03 -0.88
CA LYS A 20 3.53 -4.29 -1.80
C LYS A 20 3.19 -5.78 -1.84
N GLU A 21 4.11 -6.61 -1.34
CA GLU A 21 3.91 -8.05 -1.31
C GLU A 21 2.91 -8.44 -0.23
N ILE A 22 3.01 -7.79 0.93
CA ILE A 22 2.11 -8.06 2.03
C ILE A 22 0.70 -7.57 1.75
N PHE A 23 0.60 -6.34 1.25
CA PHE A 23 -0.69 -5.75 0.92
C PHE A 23 -1.51 -6.66 0.01
N LYS A 24 -0.82 -7.28 -0.95
CA LYS A 24 -1.47 -8.18 -1.89
C LYS A 24 -2.22 -9.29 -1.15
N ASP A 25 -1.46 -10.19 -0.53
CA ASP A 25 -2.05 -11.30 0.21
C ASP A 25 -3.06 -10.80 1.23
N LYS A 26 -2.69 -9.73 1.94
CA LYS A 26 -3.57 -9.14 2.95
C LYS A 26 -4.96 -8.88 2.38
N PHE A 27 -5.01 -8.12 1.28
CA PHE A 27 -6.27 -7.80 0.64
C PHE A 27 -7.18 -9.03 0.57
N ILE A 28 -6.62 -10.14 0.12
CA ILE A 28 -7.37 -11.38 0.00
C ILE A 28 -8.07 -11.72 1.32
N GLN A 29 -7.28 -12.01 2.35
CA GLN A 29 -7.83 -12.35 3.66
C GLN A 29 -9.09 -11.54 3.94
N HIS A 30 -9.08 -10.26 3.56
CA HIS A 30 -10.22 -9.38 3.79
C HIS A 30 -10.18 -8.20 2.84
N PRO A 31 -11.04 -8.22 1.81
CA PRO A 31 -11.12 -7.15 0.81
C PRO A 31 -11.70 -5.86 1.39
N LYS A 32 -11.57 -4.78 0.65
CA LYS A 32 -12.08 -3.49 1.09
C LYS A 32 -11.83 -3.27 2.57
N ASN A 33 -10.62 -3.58 3.01
CA ASN A 33 -10.24 -3.43 4.42
C ASN A 33 -8.94 -2.65 4.54
N PHE A 34 -9.00 -1.36 4.25
CA PHE A 34 -7.82 -0.50 4.34
C PHE A 34 -7.23 -0.53 5.75
N GLY A 35 -8.10 -0.73 6.74
CA GLY A 35 -7.64 -0.76 8.11
C GLY A 35 -6.89 -2.04 8.44
N LEU A 36 -7.57 -3.17 8.36
CA LEU A 36 -6.96 -4.46 8.65
C LEU A 36 -5.60 -4.58 7.98
N ILE A 37 -5.57 -4.35 6.67
CA ILE A 37 -4.32 -4.41 5.91
C ILE A 37 -3.24 -3.56 6.55
N ALA A 38 -3.56 -2.30 6.79
CA ALA A 38 -2.61 -1.37 7.41
C ALA A 38 -2.10 -1.91 8.75
N SER A 39 -3.03 -2.41 9.56
CA SER A 39 -2.68 -2.94 10.87
C SER A 39 -1.39 -3.74 10.81
N TYR A 40 -1.37 -4.76 9.95
CA TYR A 40 -0.20 -5.61 9.79
C TYR A 40 1.05 -4.77 9.53
N LEU A 41 0.92 -3.80 8.63
CA LEU A 41 2.03 -2.92 8.29
C LEU A 41 2.42 -2.05 9.48
N GLU A 42 3.66 -1.56 9.47
CA GLU A 42 4.16 -0.71 10.55
C GLU A 42 4.40 0.72 10.05
N ARG A 43 4.96 0.82 8.84
CA ARG A 43 5.25 2.13 8.26
C ARG A 43 4.18 2.51 7.24
N LYS A 44 2.91 2.31 7.62
CA LYS A 44 1.79 2.64 6.74
C LYS A 44 0.59 3.11 7.55
N SER A 45 -0.04 4.19 7.09
CA SER A 45 -1.21 4.74 7.77
C SER A 45 -2.50 4.22 7.16
N VAL A 46 -3.58 4.28 7.92
CA VAL A 46 -4.88 3.81 7.44
C VAL A 46 -5.30 4.54 6.17
N PRO A 47 -5.39 5.88 6.26
CA PRO A 47 -5.78 6.72 5.13
C PRO A 47 -4.71 6.77 4.04
N ASP A 48 -3.57 6.13 4.31
CA ASP A 48 -2.47 6.10 3.36
C ASP A 48 -2.64 4.95 2.37
N CYS A 49 -2.74 3.73 2.90
CA CYS A 49 -2.90 2.55 2.07
C CYS A 49 -3.96 2.78 1.00
N VAL A 50 -5.10 3.33 1.40
CA VAL A 50 -6.19 3.60 0.47
C VAL A 50 -5.67 4.16 -0.84
N LEU A 51 -4.60 4.95 -0.77
CA LEU A 51 -3.99 5.55 -1.95
C LEU A 51 -3.83 4.51 -3.06
N TYR A 52 -2.96 3.53 -2.81
CA TYR A 52 -2.71 2.48 -3.78
C TYR A 52 -4.01 1.84 -4.25
N TYR A 53 -4.74 1.25 -3.31
CA TYR A 53 -6.01 0.60 -3.62
C TYR A 53 -6.88 1.50 -4.50
N TYR A 54 -6.72 2.80 -4.35
CA TYR A 54 -7.48 3.76 -5.13
C TYR A 54 -7.04 3.75 -6.59
N LEU A 55 -5.76 3.52 -6.81
CA LEU A 55 -5.20 3.49 -8.16
C LEU A 55 -5.40 2.12 -8.79
N THR A 56 -5.11 1.07 -8.02
CA THR A 56 -5.26 -0.30 -8.51
C THR A 56 -6.49 -0.43 -9.41
N LYS A 57 -7.54 0.31 -9.08
CA LYS A 57 -8.78 0.27 -9.86
C LYS A 57 -8.48 0.13 -11.34
N LYS A 58 -7.50 0.87 -11.82
CA LYS A 58 -7.11 0.82 -13.23
C LYS A 58 -6.33 -0.46 -13.53
N ASN A 59 -7.05 -1.54 -13.80
CA ASN A 59 -6.42 -2.81 -14.11
C ASN A 59 -6.89 -3.34 -15.46
N GLU A 60 -6.11 -4.24 -16.04
CA GLU A 60 -6.44 -4.82 -17.34
C GLU A 60 -6.63 -6.33 -17.23
N ASN A 61 -5.76 -6.97 -16.44
CA ASN A 61 -5.82 -8.42 -16.24
C ASN A 61 -6.65 -8.77 -15.01
N GLY A 1 18.05 4.09 21.71
CA GLY A 1 18.11 5.51 21.41
C GLY A 1 16.90 6.26 21.89
N SER A 2 16.93 7.58 21.78
CA SER A 2 15.81 8.41 22.22
C SER A 2 14.54 8.03 21.48
N SER A 3 13.48 7.77 22.23
CA SER A 3 12.19 7.39 21.64
C SER A 3 12.37 6.25 20.64
N GLY A 4 13.20 5.27 21.01
CA GLY A 4 13.43 4.13 20.14
C GLY A 4 14.81 4.15 19.53
N SER A 5 15.27 2.99 19.07
CA SER A 5 16.59 2.87 18.46
C SER A 5 16.78 3.92 17.36
N SER A 6 15.88 3.91 16.38
CA SER A 6 15.94 4.84 15.27
C SER A 6 14.79 5.85 15.34
N GLY A 7 14.94 6.96 14.63
CA GLY A 7 13.91 7.97 14.62
C GLY A 7 14.26 9.16 13.74
N ASP A 8 13.30 9.63 12.96
CA ASP A 8 13.52 10.77 12.07
C ASP A 8 12.50 11.87 12.34
N ARG A 9 12.67 13.01 11.68
CA ARG A 9 11.77 14.14 11.84
C ARG A 9 10.87 14.30 10.62
N GLN A 10 11.46 14.19 9.44
CA GLN A 10 10.71 14.31 8.19
C GLN A 10 10.09 12.98 7.79
N PHE A 11 8.97 13.05 7.07
CA PHE A 11 8.28 11.85 6.62
C PHE A 11 7.73 12.04 5.21
N MET A 12 8.07 11.12 4.31
CA MET A 12 7.61 11.20 2.93
C MET A 12 6.83 9.94 2.56
N ASN A 13 5.81 10.09 1.73
CA ASN A 13 4.99 8.97 1.29
C ASN A 13 5.75 8.09 0.31
N VAL A 14 6.13 6.90 0.77
CA VAL A 14 6.86 5.96 -0.08
C VAL A 14 6.54 4.51 0.30
N TRP A 15 6.36 3.67 -0.71
CA TRP A 15 6.04 2.26 -0.48
C TRP A 15 7.21 1.38 -0.90
N THR A 16 7.30 0.19 -0.29
CA THR A 16 8.36 -0.74 -0.61
C THR A 16 7.80 -2.05 -1.16
N ASP A 17 8.65 -2.83 -1.81
CA ASP A 17 8.24 -4.10 -2.38
C ASP A 17 7.46 -4.94 -1.37
N HIS A 18 8.08 -5.19 -0.22
CA HIS A 18 7.45 -5.98 0.82
C HIS A 18 6.05 -5.46 1.11
N GLU A 19 5.91 -4.14 1.20
CA GLU A 19 4.63 -3.52 1.48
C GLU A 19 3.61 -3.86 0.40
N LYS A 20 4.08 -3.93 -0.84
CA LYS A 20 3.21 -4.24 -1.98
C LYS A 20 2.64 -5.65 -1.84
N GLU A 21 3.53 -6.64 -1.75
CA GLU A 21 3.10 -8.04 -1.62
C GLU A 21 2.18 -8.21 -0.42
N ILE A 22 2.48 -7.51 0.67
CA ILE A 22 1.68 -7.59 1.88
C ILE A 22 0.27 -7.07 1.63
N PHE A 23 0.17 -5.83 1.18
CA PHE A 23 -1.13 -5.22 0.90
C PHE A 23 -2.04 -6.19 0.15
N LYS A 24 -1.52 -6.74 -0.94
CA LYS A 24 -2.29 -7.68 -1.75
C LYS A 24 -2.55 -8.97 -0.99
N ASP A 25 -1.48 -9.60 -0.50
CA ASP A 25 -1.59 -10.83 0.26
C ASP A 25 -2.84 -10.83 1.13
N LYS A 26 -2.87 -9.90 2.09
CA LYS A 26 -4.00 -9.78 3.00
C LYS A 26 -5.28 -9.44 2.24
N PHE A 27 -5.20 -8.42 1.40
CA PHE A 27 -6.36 -7.99 0.60
C PHE A 27 -7.20 -9.19 0.20
N ILE A 28 -6.55 -10.29 -0.15
CA ILE A 28 -7.25 -11.51 -0.55
C ILE A 28 -8.11 -12.05 0.58
N GLN A 29 -7.47 -12.40 1.69
CA GLN A 29 -8.19 -12.93 2.85
C GLN A 29 -9.11 -11.88 3.45
N HIS A 30 -8.54 -10.71 3.75
CA HIS A 30 -9.30 -9.62 4.34
C HIS A 30 -9.49 -8.48 3.34
N PRO A 31 -10.44 -8.67 2.40
CA PRO A 31 -10.74 -7.66 1.38
C PRO A 31 -11.40 -6.41 1.95
N LYS A 32 -10.83 -5.26 1.64
CA LYS A 32 -11.36 -3.99 2.11
C LYS A 32 -11.32 -3.93 3.64
N ASN A 33 -10.22 -4.40 4.21
CA ASN A 33 -10.05 -4.40 5.66
C ASN A 33 -8.74 -3.72 6.06
N PHE A 34 -8.38 -2.68 5.31
CA PHE A 34 -7.15 -1.94 5.58
C PHE A 34 -6.88 -1.87 7.08
N GLY A 35 -7.95 -1.82 7.87
CA GLY A 35 -7.80 -1.76 9.32
C GLY A 35 -6.84 -2.80 9.85
N LEU A 36 -7.08 -4.06 9.48
CA LEU A 36 -6.23 -5.16 9.93
C LEU A 36 -4.94 -5.22 9.12
N ILE A 37 -5.05 -4.86 7.84
CA ILE A 37 -3.89 -4.89 6.95
C ILE A 37 -2.78 -3.99 7.47
N ALA A 38 -3.17 -2.86 8.07
CA ALA A 38 -2.20 -1.91 8.61
C ALA A 38 -1.30 -2.59 9.66
N SER A 39 -1.77 -3.70 10.20
CA SER A 39 -1.02 -4.43 11.21
C SER A 39 0.37 -4.79 10.70
N TYR A 40 0.42 -5.51 9.59
CA TYR A 40 1.69 -5.91 9.00
C TYR A 40 2.40 -4.72 8.35
N LEU A 41 1.61 -3.78 7.85
CA LEU A 41 2.16 -2.59 7.21
C LEU A 41 3.18 -1.90 8.11
N GLU A 42 3.66 -0.74 7.69
CA GLU A 42 4.64 0.01 8.47
C GLU A 42 4.48 1.52 8.22
N ARG A 43 4.10 2.24 9.27
CA ARG A 43 3.91 3.68 9.17
C ARG A 43 3.06 4.04 7.95
N LYS A 44 2.10 3.18 7.65
CA LYS A 44 1.20 3.40 6.51
C LYS A 44 -0.24 3.54 6.97
N SER A 45 -0.67 4.77 7.22
CA SER A 45 -2.03 5.04 7.67
C SER A 45 -3.04 4.21 6.87
N VAL A 46 -4.20 3.97 7.47
CA VAL A 46 -5.24 3.19 6.82
C VAL A 46 -5.67 3.84 5.51
N PRO A 47 -6.12 5.10 5.57
CA PRO A 47 -6.57 5.84 4.39
C PRO A 47 -5.40 6.21 3.48
N ASP A 48 -4.18 6.08 3.99
CA ASP A 48 -2.98 6.39 3.21
C ASP A 48 -2.72 5.31 2.16
N CYS A 49 -3.23 4.11 2.42
CA CYS A 49 -3.04 3.00 1.49
C CYS A 49 -4.10 3.02 0.39
N VAL A 50 -5.32 3.38 0.76
CA VAL A 50 -6.42 3.44 -0.20
C VAL A 50 -5.98 4.10 -1.50
N LEU A 51 -5.33 5.25 -1.38
CA LEU A 51 -4.85 5.98 -2.55
C LEU A 51 -4.00 5.09 -3.44
N TYR A 52 -3.11 4.32 -2.82
CA TYR A 52 -2.23 3.42 -3.56
C TYR A 52 -3.04 2.40 -4.37
N TYR A 53 -4.01 1.77 -3.70
CA TYR A 53 -4.86 0.79 -4.35
C TYR A 53 -5.45 1.33 -5.65
N TYR A 54 -5.82 2.61 -5.62
CA TYR A 54 -6.40 3.25 -6.80
C TYR A 54 -5.35 3.47 -7.88
N LEU A 55 -4.37 4.32 -7.58
CA LEU A 55 -3.29 4.62 -8.52
C LEU A 55 -2.88 3.36 -9.29
N THR A 56 -2.55 2.31 -8.55
CA THR A 56 -2.14 1.05 -9.16
C THR A 56 -3.07 0.65 -10.30
N LYS A 57 -4.37 0.69 -10.02
CA LYS A 57 -5.38 0.34 -11.01
C LYS A 57 -5.22 1.19 -12.27
N LYS A 58 -5.04 2.48 -12.08
CA LYS A 58 -4.87 3.40 -13.21
C LYS A 58 -3.86 4.50 -12.86
N ASN A 59 -2.81 4.60 -13.66
CA ASN A 59 -1.77 5.60 -13.44
C ASN A 59 -2.39 6.98 -13.24
N GLU A 60 -1.84 7.73 -12.28
CA GLU A 60 -2.35 9.07 -11.98
C GLU A 60 -1.21 9.98 -11.53
N ASN A 61 -1.08 11.13 -12.21
CA ASN A 61 -0.04 12.08 -11.88
C ASN A 61 -0.63 13.46 -11.56
N GLY A 1 9.34 8.90 -17.51
CA GLY A 1 9.14 7.57 -16.94
C GLY A 1 8.21 7.60 -15.74
N SER A 2 8.27 6.54 -14.94
CA SER A 2 7.43 6.44 -13.75
C SER A 2 7.46 7.72 -12.94
N SER A 3 6.40 7.97 -12.18
CA SER A 3 6.30 9.17 -11.36
C SER A 3 7.62 9.45 -10.65
N GLY A 4 8.35 10.45 -11.11
CA GLY A 4 9.62 10.79 -10.50
C GLY A 4 9.64 12.22 -9.97
N SER A 5 8.90 12.46 -8.89
CA SER A 5 8.83 13.79 -8.29
C SER A 5 8.37 13.70 -6.83
N SER A 6 8.66 14.74 -6.06
CA SER A 6 8.28 14.78 -4.66
C SER A 6 8.14 16.22 -4.17
N GLY A 7 7.04 16.51 -3.50
CA GLY A 7 6.81 17.86 -2.99
C GLY A 7 5.66 17.91 -2.00
N ASP A 8 6.00 17.89 -0.72
CA ASP A 8 5.00 17.94 0.34
C ASP A 8 5.60 18.47 1.64
N ARG A 9 5.08 19.59 2.11
CA ARG A 9 5.55 20.21 3.34
C ARG A 9 5.95 19.15 4.37
N GLN A 10 5.26 18.01 4.32
CA GLN A 10 5.54 16.92 5.24
C GLN A 10 6.09 15.70 4.49
N PHE A 11 6.98 14.95 5.15
CA PHE A 11 7.58 13.77 4.55
C PHE A 11 6.78 12.52 4.91
N MET A 12 6.91 11.49 4.08
CA MET A 12 6.21 10.23 4.31
C MET A 12 6.95 9.07 3.65
N ASN A 13 6.53 7.85 3.97
CA ASN A 13 7.14 6.66 3.40
C ASN A 13 6.66 6.42 1.98
N VAL A 14 7.37 5.56 1.25
CA VAL A 14 7.01 5.25 -0.13
C VAL A 14 6.78 3.75 -0.31
N TRP A 15 5.74 3.40 -1.06
CA TRP A 15 5.42 2.00 -1.31
C TRP A 15 6.53 1.31 -2.08
N THR A 16 6.96 0.15 -1.59
CA THR A 16 8.03 -0.60 -2.24
C THR A 16 7.58 -2.03 -2.53
N ASP A 17 8.28 -2.68 -3.46
CA ASP A 17 7.96 -4.06 -3.82
C ASP A 17 7.89 -4.95 -2.59
N HIS A 18 8.86 -4.77 -1.68
CA HIS A 18 8.91 -5.56 -0.47
C HIS A 18 7.63 -5.40 0.36
N GLU A 19 7.15 -4.16 0.44
CA GLU A 19 5.93 -3.87 1.19
C GLU A 19 4.69 -4.17 0.36
N LYS A 20 4.87 -4.26 -0.96
CA LYS A 20 3.78 -4.53 -1.87
C LYS A 20 3.31 -5.98 -1.73
N GLU A 21 4.26 -6.90 -1.80
CA GLU A 21 3.93 -8.34 -1.68
C GLU A 21 2.96 -8.57 -0.53
N ILE A 22 3.13 -7.83 0.55
CA ILE A 22 2.25 -7.96 1.72
C ILE A 22 0.82 -7.56 1.38
N PHE A 23 0.65 -6.33 0.92
CA PHE A 23 -0.67 -5.82 0.57
C PHE A 23 -1.45 -6.86 -0.22
N LYS A 24 -0.85 -7.38 -1.28
CA LYS A 24 -1.48 -8.39 -2.12
C LYS A 24 -2.14 -9.46 -1.26
N ASP A 25 -1.36 -10.10 -0.40
CA ASP A 25 -1.86 -11.15 0.47
C ASP A 25 -2.94 -10.60 1.40
N LYS A 26 -2.61 -9.52 2.10
CA LYS A 26 -3.55 -8.90 3.04
C LYS A 26 -4.93 -8.73 2.38
N PHE A 27 -4.98 -7.97 1.30
CA PHE A 27 -6.23 -7.74 0.58
C PHE A 27 -7.01 -9.03 0.41
N ILE A 28 -6.36 -10.03 -0.17
CA ILE A 28 -6.99 -11.33 -0.40
C ILE A 28 -7.71 -11.81 0.86
N GLN A 29 -7.01 -11.76 1.98
CA GLN A 29 -7.58 -12.19 3.26
C GLN A 29 -8.90 -11.49 3.53
N HIS A 30 -8.93 -10.18 3.30
CA HIS A 30 -10.13 -9.40 3.53
C HIS A 30 -10.13 -8.14 2.67
N PRO A 31 -10.94 -8.15 1.60
CA PRO A 31 -11.05 -7.01 0.67
C PRO A 31 -11.74 -5.82 1.31
N LYS A 32 -11.33 -4.62 0.89
CA LYS A 32 -11.91 -3.39 1.42
C LYS A 32 -11.71 -3.30 2.93
N ASN A 33 -10.51 -3.68 3.38
CA ASN A 33 -10.19 -3.63 4.81
C ASN A 33 -8.95 -2.79 5.06
N PHE A 34 -8.88 -1.64 4.39
CA PHE A 34 -7.74 -0.74 4.54
C PHE A 34 -7.24 -0.74 5.98
N GLY A 35 -8.14 -0.48 6.92
CA GLY A 35 -7.77 -0.46 8.33
C GLY A 35 -7.02 -1.71 8.75
N LEU A 36 -7.62 -2.87 8.53
CA LEU A 36 -6.99 -4.13 8.89
C LEU A 36 -5.63 -4.27 8.24
N ILE A 37 -5.59 -4.14 6.92
CA ILE A 37 -4.34 -4.25 6.17
C ILE A 37 -3.25 -3.40 6.81
N ALA A 38 -3.62 -2.24 7.32
CA ALA A 38 -2.68 -1.34 7.96
C ALA A 38 -2.17 -1.92 9.28
N SER A 39 -3.06 -2.58 10.01
CA SER A 39 -2.70 -3.18 11.29
C SER A 39 -1.33 -3.84 11.22
N TYR A 40 -1.12 -4.67 10.21
CA TYR A 40 0.15 -5.36 10.03
C TYR A 40 1.27 -4.36 9.80
N LEU A 41 1.07 -3.44 8.86
CA LEU A 41 2.07 -2.43 8.54
C LEU A 41 2.05 -1.31 9.57
N GLU A 42 2.98 -1.38 10.53
CA GLU A 42 3.06 -0.36 11.57
C GLU A 42 3.54 0.97 10.99
N ARG A 43 4.64 0.94 10.24
CA ARG A 43 5.19 2.14 9.65
C ARG A 43 4.13 2.87 8.83
N LYS A 44 3.46 2.14 7.94
CA LYS A 44 2.42 2.73 7.09
C LYS A 44 1.26 3.23 7.94
N SER A 45 0.30 3.89 7.29
CA SER A 45 -0.85 4.43 7.98
C SER A 45 -2.15 3.87 7.39
N VAL A 46 -3.25 4.05 8.10
CA VAL A 46 -4.55 3.57 7.65
C VAL A 46 -4.98 4.27 6.37
N PRO A 47 -5.08 5.60 6.42
CA PRO A 47 -5.48 6.43 5.28
C PRO A 47 -4.41 6.46 4.19
N ASP A 48 -3.30 5.75 4.42
CA ASP A 48 -2.21 5.70 3.47
C ASP A 48 -2.42 4.57 2.46
N CYS A 49 -2.90 3.43 2.96
CA CYS A 49 -3.14 2.27 2.10
C CYS A 49 -4.25 2.56 1.09
N VAL A 50 -5.37 3.08 1.58
CA VAL A 50 -6.51 3.39 0.73
C VAL A 50 -6.04 3.93 -0.62
N LEU A 51 -5.14 4.91 -0.59
CA LEU A 51 -4.61 5.51 -1.81
C LEU A 51 -4.19 4.43 -2.80
N TYR A 52 -3.29 3.56 -2.36
CA TYR A 52 -2.80 2.48 -3.21
C TYR A 52 -3.92 1.89 -4.05
N TYR A 53 -4.98 1.43 -3.39
CA TYR A 53 -6.13 0.84 -4.07
C TYR A 53 -6.56 1.71 -5.26
N TYR A 54 -6.69 3.01 -5.02
CA TYR A 54 -7.09 3.94 -6.05
C TYR A 54 -6.13 3.88 -7.24
N LEU A 55 -4.85 4.09 -6.96
CA LEU A 55 -3.82 4.06 -7.99
C LEU A 55 -3.86 2.75 -8.78
N THR A 56 -3.82 1.63 -8.05
CA THR A 56 -3.86 0.32 -8.67
C THR A 56 -5.09 0.16 -9.55
N LYS A 57 -6.24 0.62 -9.05
CA LYS A 57 -7.49 0.54 -9.79
C LYS A 57 -7.83 1.88 -10.44
N LYS A 58 -7.22 2.15 -11.59
CA LYS A 58 -7.46 3.39 -12.31
C LYS A 58 -8.44 3.16 -13.46
N ASN A 59 -9.45 2.33 -13.21
CA ASN A 59 -10.46 2.04 -14.22
C ASN A 59 -10.97 3.32 -14.86
N GLU A 60 -11.26 4.32 -14.04
CA GLU A 60 -11.76 5.60 -14.53
C GLU A 60 -10.70 6.32 -15.36
N ASN A 61 -11.10 6.80 -16.53
CA ASN A 61 -10.18 7.51 -17.42
C ASN A 61 -10.45 9.01 -17.39
N GLY A 1 -0.57 18.72 -16.64
CA GLY A 1 0.85 18.99 -16.57
C GLY A 1 1.45 18.61 -15.23
N SER A 2 2.60 17.95 -15.26
CA SER A 2 3.27 17.53 -14.04
C SER A 2 4.59 18.29 -13.86
N SER A 3 4.79 18.85 -12.68
CA SER A 3 6.00 19.60 -12.38
C SER A 3 7.06 18.70 -11.74
N GLY A 4 6.59 17.66 -11.06
CA GLY A 4 7.51 16.73 -10.41
C GLY A 4 7.39 16.76 -8.91
N SER A 5 7.60 15.61 -8.27
CA SER A 5 7.51 15.51 -6.82
C SER A 5 8.89 15.57 -6.19
N SER A 6 9.34 16.78 -5.89
CA SER A 6 10.66 16.97 -5.28
C SER A 6 10.66 18.20 -4.37
N GLY A 7 10.96 17.97 -3.10
CA GLY A 7 10.99 19.06 -2.14
C GLY A 7 10.00 18.86 -1.00
N ASP A 8 8.90 19.61 -1.02
CA ASP A 8 7.89 19.51 0.02
C ASP A 8 7.18 18.15 -0.04
N ARG A 9 7.01 17.52 1.11
CA ARG A 9 6.35 16.22 1.18
C ARG A 9 5.48 16.13 2.44
N GLN A 10 4.38 15.38 2.33
CA GLN A 10 3.46 15.21 3.45
C GLN A 10 2.96 13.78 3.51
N PHE A 11 3.31 13.09 4.60
CA PHE A 11 2.89 11.70 4.78
C PHE A 11 2.91 10.95 3.46
N MET A 12 3.94 11.17 2.67
CA MET A 12 4.08 10.51 1.37
C MET A 12 5.31 9.61 1.35
N ASN A 13 5.11 8.35 0.95
CA ASN A 13 6.20 7.39 0.88
C ASN A 13 6.15 6.61 -0.43
N VAL A 14 7.25 5.90 -0.73
CA VAL A 14 7.32 5.10 -1.95
C VAL A 14 7.04 3.62 -1.66
N TRP A 15 6.26 3.00 -2.52
CA TRP A 15 5.91 1.59 -2.36
C TRP A 15 6.91 0.71 -3.11
N THR A 16 7.45 -0.29 -2.39
CA THR A 16 8.42 -1.20 -2.99
C THR A 16 7.76 -2.54 -3.33
N ASP A 17 8.54 -3.42 -3.95
CA ASP A 17 8.04 -4.73 -4.33
C ASP A 17 7.53 -5.50 -3.11
N HIS A 18 8.32 -5.48 -2.05
CA HIS A 18 7.96 -6.17 -0.81
C HIS A 18 6.59 -5.73 -0.32
N GLU A 19 6.50 -4.49 0.15
CA GLU A 19 5.24 -3.95 0.65
C GLU A 19 4.06 -4.48 -0.16
N LYS A 20 4.15 -4.35 -1.48
CA LYS A 20 3.08 -4.82 -2.36
C LYS A 20 2.68 -6.25 -2.01
N GLU A 21 3.67 -7.14 -1.94
CA GLU A 21 3.40 -8.53 -1.62
C GLU A 21 2.49 -8.65 -0.40
N ILE A 22 2.96 -8.15 0.74
CA ILE A 22 2.19 -8.19 1.97
C ILE A 22 0.77 -7.68 1.75
N PHE A 23 0.66 -6.40 1.39
CA PHE A 23 -0.64 -5.78 1.14
C PHE A 23 -1.51 -6.67 0.27
N LYS A 24 -0.89 -7.30 -0.73
CA LYS A 24 -1.60 -8.19 -1.64
C LYS A 24 -2.09 -9.44 -0.92
N ASP A 25 -1.26 -9.95 -0.02
CA ASP A 25 -1.62 -11.15 0.74
C ASP A 25 -2.92 -10.94 1.52
N LYS A 26 -2.91 -9.95 2.40
CA LYS A 26 -4.09 -9.65 3.21
C LYS A 26 -5.36 -9.67 2.36
N PHE A 27 -5.41 -8.81 1.35
CA PHE A 27 -6.55 -8.74 0.46
C PHE A 27 -7.16 -10.12 0.23
N ILE A 28 -6.29 -11.12 0.03
CA ILE A 28 -6.73 -12.49 -0.19
C ILE A 28 -7.64 -12.97 0.95
N GLN A 29 -7.20 -12.74 2.18
CA GLN A 29 -7.96 -13.15 3.34
C GLN A 29 -9.20 -12.27 3.52
N HIS A 30 -9.01 -10.96 3.45
CA HIS A 30 -10.10 -10.02 3.60
C HIS A 30 -9.95 -8.85 2.63
N PRO A 31 -10.75 -8.84 1.56
CA PRO A 31 -10.72 -7.79 0.55
C PRO A 31 -11.25 -6.46 1.06
N LYS A 32 -10.71 -5.36 0.55
CA LYS A 32 -11.14 -4.03 0.96
C LYS A 32 -11.11 -3.90 2.47
N ASN A 33 -10.24 -4.66 3.12
CA ASN A 33 -10.11 -4.64 4.57
C ASN A 33 -8.89 -3.81 5.00
N PHE A 34 -8.57 -2.80 4.21
CA PHE A 34 -7.43 -1.94 4.50
C PHE A 34 -7.25 -1.77 6.01
N GLY A 35 -8.36 -1.58 6.71
CA GLY A 35 -8.30 -1.40 8.16
C GLY A 35 -7.21 -2.25 8.80
N LEU A 36 -7.16 -3.52 8.42
CA LEU A 36 -6.16 -4.44 8.97
C LEU A 36 -4.83 -4.30 8.23
N ILE A 37 -4.88 -4.35 6.90
CA ILE A 37 -3.69 -4.22 6.09
C ILE A 37 -2.75 -3.15 6.64
N ALA A 38 -3.33 -2.03 7.06
CA ALA A 38 -2.56 -0.93 7.61
C ALA A 38 -1.82 -1.36 8.87
N SER A 39 -2.55 -1.90 9.83
CA SER A 39 -1.97 -2.35 11.09
C SER A 39 -0.63 -3.05 10.85
N TYR A 40 -0.66 -4.07 9.99
CA TYR A 40 0.54 -4.82 9.67
C TYR A 40 1.67 -3.90 9.20
N LEU A 41 1.37 -3.09 8.17
CA LEU A 41 2.35 -2.16 7.62
C LEU A 41 2.59 -1.01 8.58
N GLU A 42 3.61 -1.14 9.41
CA GLU A 42 3.95 -0.09 10.38
C GLU A 42 4.37 1.19 9.67
N ARG A 43 5.00 1.05 8.51
CA ARG A 43 5.44 2.19 7.73
C ARG A 43 4.34 2.69 6.81
N LYS A 44 3.09 2.35 7.15
CA LYS A 44 1.94 2.77 6.35
C LYS A 44 0.75 3.11 7.26
N SER A 45 -0.35 3.49 6.64
CA SER A 45 -1.56 3.85 7.38
C SER A 45 -2.81 3.50 6.59
N VAL A 46 -3.96 3.53 7.26
CA VAL A 46 -5.23 3.23 6.61
C VAL A 46 -5.51 4.18 5.46
N PRO A 47 -5.56 5.48 5.76
CA PRO A 47 -5.82 6.52 4.76
C PRO A 47 -4.66 6.69 3.79
N ASP A 48 -3.52 6.08 4.12
CA ASP A 48 -2.33 6.17 3.28
C ASP A 48 -2.35 5.07 2.21
N CYS A 49 -3.00 3.96 2.52
CA CYS A 49 -3.09 2.84 1.58
C CYS A 49 -4.36 2.92 0.76
N VAL A 50 -5.48 3.22 1.42
CA VAL A 50 -6.77 3.32 0.75
C VAL A 50 -6.64 4.10 -0.56
N LEU A 51 -5.80 5.13 -0.55
CA LEU A 51 -5.59 5.95 -1.74
C LEU A 51 -4.64 5.28 -2.71
N TYR A 52 -3.53 4.77 -2.19
CA TYR A 52 -2.53 4.09 -3.01
C TYR A 52 -3.19 3.01 -3.88
N TYR A 53 -4.09 2.25 -3.28
CA TYR A 53 -4.79 1.18 -4.00
C TYR A 53 -5.44 1.73 -5.27
N TYR A 54 -6.07 2.88 -5.15
CA TYR A 54 -6.75 3.50 -6.28
C TYR A 54 -5.77 3.74 -7.43
N LEU A 55 -4.62 4.31 -7.12
CA LEU A 55 -3.60 4.59 -8.12
C LEU A 55 -3.38 3.38 -9.02
N THR A 56 -3.03 2.25 -8.40
CA THR A 56 -2.80 1.02 -9.15
C THR A 56 -4.06 0.53 -9.84
N LYS A 57 -5.19 0.68 -9.15
CA LYS A 57 -6.48 0.25 -9.69
C LYS A 57 -6.55 0.52 -11.20
N LYS A 58 -6.13 1.72 -11.61
CA LYS A 58 -6.14 2.09 -13.01
C LYS A 58 -4.80 1.76 -13.67
N ASN A 59 -4.76 1.87 -14.99
CA ASN A 59 -3.53 1.61 -15.74
C ASN A 59 -3.27 2.69 -16.77
N GLU A 60 -2.15 2.57 -17.48
CA GLU A 60 -1.79 3.54 -18.50
C GLU A 60 -2.52 3.28 -19.81
N ASN A 61 -2.64 2.00 -20.16
CA ASN A 61 -3.31 1.60 -21.39
C ASN A 61 -4.82 1.50 -21.17
N GLY A 1 20.53 -3.64 -13.46
CA GLY A 1 21.11 -3.03 -12.28
C GLY A 1 20.18 -3.08 -11.08
N SER A 2 20.75 -3.07 -9.89
CA SER A 2 19.97 -3.12 -8.65
C SER A 2 19.62 -1.71 -8.18
N SER A 3 18.36 -1.53 -7.80
CA SER A 3 17.89 -0.22 -7.32
C SER A 3 17.07 -0.38 -6.04
N GLY A 4 17.55 0.22 -4.96
CA GLY A 4 16.85 0.15 -3.69
C GLY A 4 17.79 0.23 -2.51
N SER A 5 18.12 1.45 -2.10
CA SER A 5 19.02 1.67 -0.98
C SER A 5 18.42 1.12 0.31
N SER A 6 19.28 0.66 1.22
CA SER A 6 18.83 0.11 2.49
C SER A 6 17.73 0.97 3.10
N GLY A 7 17.97 2.27 3.18
CA GLY A 7 16.98 3.18 3.73
C GLY A 7 17.11 3.33 5.23
N ASP A 8 18.31 3.74 5.68
CA ASP A 8 18.56 3.92 7.11
C ASP A 8 17.56 4.89 7.72
N ARG A 9 17.56 6.12 7.23
CA ARG A 9 16.64 7.14 7.73
C ARG A 9 15.99 7.90 6.57
N GLN A 10 14.68 7.72 6.42
CA GLN A 10 13.94 8.38 5.35
C GLN A 10 13.18 9.59 5.89
N PHE A 11 13.03 10.61 5.06
CA PHE A 11 12.31 11.82 5.45
C PHE A 11 10.82 11.70 5.16
N MET A 12 10.49 11.25 3.95
CA MET A 12 9.10 11.09 3.55
C MET A 12 8.72 9.62 3.49
N ASN A 13 7.44 9.34 3.29
CA ASN A 13 6.95 7.97 3.22
C ASN A 13 7.03 7.44 1.79
N VAL A 14 7.39 6.16 1.67
CA VAL A 14 7.52 5.53 0.36
C VAL A 14 7.35 4.02 0.47
N TRP A 15 6.53 3.45 -0.41
CA TRP A 15 6.29 2.02 -0.42
C TRP A 15 7.41 1.28 -1.14
N THR A 16 7.75 0.09 -0.64
CA THR A 16 8.81 -0.72 -1.23
C THR A 16 8.23 -1.97 -1.88
N ASP A 17 9.11 -2.75 -2.50
CA ASP A 17 8.70 -3.98 -3.17
C ASP A 17 7.82 -4.83 -2.24
N HIS A 18 8.40 -5.28 -1.14
CA HIS A 18 7.67 -6.10 -0.17
C HIS A 18 6.28 -5.53 0.08
N GLU A 19 6.24 -4.26 0.48
CA GLU A 19 4.96 -3.60 0.77
C GLU A 19 3.91 -3.98 -0.27
N LYS A 20 4.35 -4.14 -1.51
CA LYS A 20 3.44 -4.51 -2.59
C LYS A 20 2.80 -5.87 -2.34
N GLU A 21 3.63 -6.91 -2.37
CA GLU A 21 3.14 -8.27 -2.14
C GLU A 21 2.43 -8.38 -0.80
N ILE A 22 2.78 -7.50 0.12
CA ILE A 22 2.18 -7.49 1.45
C ILE A 22 0.70 -7.13 1.37
N PHE A 23 0.41 -5.96 0.82
CA PHE A 23 -0.97 -5.50 0.68
C PHE A 23 -1.86 -6.60 0.08
N LYS A 24 -1.58 -6.96 -1.17
CA LYS A 24 -2.34 -7.99 -1.85
C LYS A 24 -2.53 -9.22 -0.96
N ASP A 25 -1.41 -9.80 -0.51
CA ASP A 25 -1.46 -10.97 0.35
C ASP A 25 -2.45 -10.78 1.49
N LYS A 26 -2.36 -9.62 2.16
CA LYS A 26 -3.26 -9.32 3.26
C LYS A 26 -4.71 -9.29 2.80
N PHE A 27 -4.95 -8.65 1.66
CA PHE A 27 -6.29 -8.55 1.10
C PHE A 27 -7.01 -9.89 1.16
N ILE A 28 -6.46 -10.88 0.47
CA ILE A 28 -7.06 -12.22 0.46
C ILE A 28 -7.59 -12.61 1.83
N GLN A 29 -6.69 -12.65 2.82
CA GLN A 29 -7.07 -13.00 4.17
C GLN A 29 -8.37 -12.31 4.57
N HIS A 30 -8.44 -11.01 4.33
CA HIS A 30 -9.63 -10.23 4.65
C HIS A 30 -9.95 -9.23 3.55
N PRO A 31 -10.99 -9.53 2.76
CA PRO A 31 -11.41 -8.67 1.66
C PRO A 31 -12.05 -7.37 2.15
N LYS A 32 -11.99 -6.34 1.32
CA LYS A 32 -12.55 -5.04 1.66
C LYS A 32 -12.31 -4.72 3.14
N ASN A 33 -11.14 -5.09 3.64
CA ASN A 33 -10.78 -4.84 5.02
C ASN A 33 -9.41 -4.18 5.13
N PHE A 34 -9.39 -2.85 5.01
CA PHE A 34 -8.15 -2.09 5.09
C PHE A 34 -7.71 -1.91 6.54
N GLY A 35 -8.61 -1.39 7.36
CA GLY A 35 -8.30 -1.17 8.77
C GLY A 35 -7.40 -2.26 9.33
N LEU A 36 -7.60 -3.49 8.86
CA LEU A 36 -6.79 -4.61 9.33
C LEU A 36 -5.45 -4.67 8.62
N ILE A 37 -5.49 -4.64 7.29
CA ILE A 37 -4.28 -4.67 6.49
C ILE A 37 -3.24 -3.68 7.01
N ALA A 38 -3.70 -2.47 7.32
CA ALA A 38 -2.81 -1.44 7.84
C ALA A 38 -2.01 -1.94 9.04
N SER A 39 -2.68 -2.70 9.91
CA SER A 39 -2.04 -3.24 11.09
C SER A 39 -0.72 -3.92 10.74
N TYR A 40 -0.76 -4.80 9.74
CA TYR A 40 0.44 -5.51 9.30
C TYR A 40 1.46 -4.54 8.71
N LEU A 41 0.98 -3.56 7.97
CA LEU A 41 1.85 -2.58 7.34
C LEU A 41 2.76 -1.92 8.38
N GLU A 42 3.53 -0.93 7.93
CA GLU A 42 4.45 -0.22 8.82
C GLU A 42 4.30 1.28 8.66
N ARG A 43 3.61 1.92 9.61
CA ARG A 43 3.39 3.36 9.57
C ARG A 43 2.59 3.76 8.33
N LYS A 44 1.51 3.03 8.08
CA LYS A 44 0.66 3.32 6.93
C LYS A 44 -0.78 3.58 7.37
N SER A 45 -1.06 4.83 7.71
CA SER A 45 -2.40 5.21 8.16
C SER A 45 -3.47 4.53 7.32
N VAL A 46 -4.65 4.35 7.90
CA VAL A 46 -5.75 3.70 7.21
C VAL A 46 -6.06 4.40 5.88
N PRO A 47 -6.39 5.70 5.96
CA PRO A 47 -6.70 6.51 4.78
C PRO A 47 -5.48 6.76 3.90
N ASP A 48 -4.31 6.32 4.38
CA ASP A 48 -3.07 6.50 3.64
C ASP A 48 -2.88 5.39 2.61
N CYS A 49 -3.10 4.15 3.04
CA CYS A 49 -2.96 3.00 2.16
C CYS A 49 -3.97 3.07 1.01
N VAL A 50 -5.14 3.60 1.30
CA VAL A 50 -6.19 3.72 0.29
C VAL A 50 -5.61 4.15 -1.06
N LEU A 51 -4.76 5.18 -1.03
CA LEU A 51 -4.13 5.69 -2.24
C LEU A 51 -3.59 4.55 -3.10
N TYR A 52 -2.75 3.71 -2.49
CA TYR A 52 -2.16 2.59 -3.20
C TYR A 52 -3.22 1.82 -3.99
N TYR A 53 -4.33 1.49 -3.31
CA TYR A 53 -5.41 0.76 -3.95
C TYR A 53 -5.87 1.46 -5.23
N TYR A 54 -6.10 2.76 -5.14
CA TYR A 54 -6.54 3.54 -6.28
C TYR A 54 -5.58 3.39 -7.46
N LEU A 55 -4.28 3.55 -7.18
CA LEU A 55 -3.26 3.43 -8.21
C LEU A 55 -3.26 2.02 -8.81
N THR A 56 -3.07 1.02 -7.96
CA THR A 56 -3.04 -0.37 -8.41
C THR A 56 -4.26 -0.69 -9.27
N LYS A 57 -5.44 -0.42 -8.72
CA LYS A 57 -6.69 -0.68 -9.44
C LYS A 57 -7.52 0.60 -9.56
N LYS A 58 -7.25 1.38 -10.59
CA LYS A 58 -7.98 2.62 -10.82
C LYS A 58 -9.42 2.34 -11.21
N ASN A 59 -10.36 2.82 -10.40
CA ASN A 59 -11.78 2.63 -10.66
C ASN A 59 -12.31 3.69 -11.60
N GLU A 60 -13.20 3.29 -12.52
CA GLU A 60 -13.79 4.21 -13.47
C GLU A 60 -15.28 3.97 -13.61
N ASN A 61 -16.01 5.00 -14.03
CA ASN A 61 -17.45 4.91 -14.20
C ASN A 61 -17.81 3.84 -15.22
N GLY A 1 7.97 -9.55 -14.14
CA GLY A 1 7.28 -8.53 -14.89
C GLY A 1 8.19 -7.81 -15.87
N SER A 2 9.26 -7.21 -15.34
CA SER A 2 10.21 -6.48 -16.17
C SER A 2 11.11 -7.45 -16.93
N SER A 3 11.25 -7.22 -18.24
CA SER A 3 12.08 -8.06 -19.08
C SER A 3 13.51 -7.52 -19.16
N GLY A 4 13.64 -6.23 -19.43
CA GLY A 4 14.94 -5.61 -19.54
C GLY A 4 15.60 -5.43 -18.18
N SER A 5 16.94 -5.50 -18.16
CA SER A 5 17.68 -5.35 -16.91
C SER A 5 18.38 -4.00 -16.87
N SER A 6 19.08 -3.66 -17.96
CA SER A 6 19.81 -2.40 -18.04
C SER A 6 18.86 -1.22 -17.80
N GLY A 7 19.23 -0.35 -16.85
CA GLY A 7 18.42 0.80 -16.54
C GLY A 7 17.80 0.73 -15.16
N ASP A 8 18.16 1.67 -14.30
CA ASP A 8 17.64 1.71 -12.94
C ASP A 8 16.81 2.97 -12.70
N ARG A 9 15.68 2.80 -12.03
CA ARG A 9 14.80 3.93 -11.74
C ARG A 9 14.62 4.11 -10.24
N GLN A 10 14.57 5.37 -9.81
CA GLN A 10 14.41 5.68 -8.39
C GLN A 10 12.94 5.74 -8.01
N PHE A 11 12.48 4.72 -7.29
CA PHE A 11 11.08 4.65 -6.86
C PHE A 11 10.55 6.04 -6.53
N MET A 12 9.74 6.58 -7.44
CA MET A 12 9.15 7.90 -7.23
C MET A 12 7.90 7.83 -6.36
N ASN A 13 7.97 7.00 -5.31
CA ASN A 13 6.85 6.84 -4.40
C ASN A 13 7.26 6.02 -3.18
N VAL A 14 6.97 6.56 -2.00
CA VAL A 14 7.30 5.87 -0.76
C VAL A 14 7.01 4.38 -0.84
N TRP A 15 5.90 4.04 -1.47
CA TRP A 15 5.50 2.64 -1.64
C TRP A 15 6.58 1.86 -2.38
N THR A 16 6.90 0.67 -1.86
CA THR A 16 7.91 -0.18 -2.47
C THR A 16 7.36 -1.57 -2.79
N ASP A 17 8.04 -2.28 -3.67
CA ASP A 17 7.61 -3.62 -4.07
C ASP A 17 7.41 -4.51 -2.84
N HIS A 18 8.34 -4.41 -1.90
CA HIS A 18 8.28 -5.21 -0.67
C HIS A 18 6.90 -5.08 -0.01
N GLU A 19 6.50 -3.83 0.26
CA GLU A 19 5.21 -3.58 0.90
C GLU A 19 4.07 -4.16 0.07
N LYS A 20 3.99 -3.74 -1.20
CA LYS A 20 2.94 -4.23 -2.10
C LYS A 20 2.66 -5.70 -1.85
N GLU A 21 3.70 -6.52 -1.89
CA GLU A 21 3.56 -7.95 -1.66
C GLU A 21 2.57 -8.24 -0.54
N ILE A 22 2.88 -7.73 0.65
CA ILE A 22 2.01 -7.93 1.81
C ILE A 22 0.58 -7.49 1.51
N PHE A 23 0.43 -6.24 1.08
CA PHE A 23 -0.89 -5.70 0.76
C PHE A 23 -1.74 -6.75 0.04
N LYS A 24 -1.22 -7.26 -1.06
CA LYS A 24 -1.92 -8.27 -1.84
C LYS A 24 -2.19 -9.52 -1.01
N ASP A 25 -1.13 -10.11 -0.48
CA ASP A 25 -1.25 -11.31 0.34
C ASP A 25 -2.40 -11.19 1.33
N LYS A 26 -2.51 -10.02 1.96
CA LYS A 26 -3.57 -9.78 2.94
C LYS A 26 -4.93 -9.69 2.24
N PHE A 27 -4.99 -8.88 1.18
CA PHE A 27 -6.24 -8.72 0.43
C PHE A 27 -6.85 -10.07 0.09
N ILE A 28 -6.02 -11.00 -0.37
CA ILE A 28 -6.47 -12.33 -0.74
C ILE A 28 -7.20 -13.00 0.43
N GLN A 29 -6.90 -12.55 1.65
CA GLN A 29 -7.53 -13.11 2.83
C GLN A 29 -8.62 -12.17 3.36
N HIS A 30 -8.21 -10.98 3.79
CA HIS A 30 -9.14 -10.00 4.32
C HIS A 30 -9.29 -8.82 3.37
N PRO A 31 -10.08 -9.01 2.30
CA PRO A 31 -10.32 -7.97 1.29
C PRO A 31 -11.16 -6.83 1.83
N LYS A 32 -10.89 -5.62 1.35
CA LYS A 32 -11.63 -4.44 1.78
C LYS A 32 -11.53 -4.25 3.28
N ASN A 33 -10.33 -4.50 3.83
CA ASN A 33 -10.11 -4.37 5.27
C ASN A 33 -8.90 -3.47 5.53
N PHE A 34 -8.79 -2.38 4.78
CA PHE A 34 -7.69 -1.45 4.95
C PHE A 34 -7.35 -1.25 6.41
N GLY A 35 -8.39 -1.07 7.24
CA GLY A 35 -8.17 -0.88 8.66
C GLY A 35 -7.30 -1.95 9.27
N LEU A 36 -7.51 -3.19 8.86
CA LEU A 36 -6.74 -4.31 9.37
C LEU A 36 -5.38 -4.40 8.68
N ILE A 37 -5.41 -4.65 7.37
CA ILE A 37 -4.18 -4.75 6.59
C ILE A 37 -3.17 -3.70 7.01
N ALA A 38 -3.65 -2.48 7.26
CA ALA A 38 -2.79 -1.39 7.66
C ALA A 38 -2.09 -1.71 8.98
N SER A 39 -2.86 -2.17 9.96
CA SER A 39 -2.31 -2.51 11.27
C SER A 39 -1.00 -3.27 11.13
N TYR A 40 -0.96 -4.23 10.21
CA TYR A 40 0.23 -5.02 9.98
C TYR A 40 1.36 -4.16 9.43
N LEU A 41 1.06 -3.40 8.39
CA LEU A 41 2.05 -2.53 7.77
C LEU A 41 2.16 -1.21 8.52
N GLU A 42 3.13 -1.13 9.43
CA GLU A 42 3.35 0.08 10.21
C GLU A 42 3.76 1.25 9.31
N ARG A 43 4.62 0.96 8.35
CA ARG A 43 5.10 1.98 7.42
C ARG A 43 3.95 2.85 6.92
N LYS A 44 2.87 2.20 6.48
CA LYS A 44 1.70 2.91 5.97
C LYS A 44 0.60 2.96 7.03
N SER A 45 -0.55 3.51 6.66
CA SER A 45 -1.67 3.62 7.57
C SER A 45 -2.99 3.39 6.84
N VAL A 46 -4.10 3.55 7.56
CA VAL A 46 -5.42 3.35 6.98
C VAL A 46 -5.60 4.22 5.73
N PRO A 47 -5.46 5.54 5.89
CA PRO A 47 -5.60 6.50 4.80
C PRO A 47 -4.46 6.41 3.80
N ASP A 48 -3.24 6.32 4.31
CA ASP A 48 -2.06 6.22 3.45
C ASP A 48 -2.16 5.00 2.54
N CYS A 49 -3.07 4.09 2.85
CA CYS A 49 -3.26 2.88 2.06
C CYS A 49 -4.26 3.12 0.93
N VAL A 50 -5.32 3.85 1.24
CA VAL A 50 -6.36 4.16 0.26
C VAL A 50 -5.73 4.58 -1.08
N LEU A 51 -4.73 5.45 -1.00
CA LEU A 51 -4.05 5.92 -2.20
C LEU A 51 -3.70 4.78 -3.13
N TYR A 52 -2.96 3.80 -2.61
CA TYR A 52 -2.55 2.65 -3.40
C TYR A 52 -3.76 1.97 -4.04
N TYR A 53 -4.71 1.55 -3.21
CA TYR A 53 -5.91 0.90 -3.69
C TYR A 53 -6.41 1.55 -4.98
N TYR A 54 -6.41 2.87 -5.01
CA TYR A 54 -6.86 3.61 -6.18
C TYR A 54 -5.93 3.39 -7.35
N LEU A 55 -4.67 3.78 -7.20
CA LEU A 55 -3.67 3.63 -8.25
C LEU A 55 -3.75 2.23 -8.87
N THR A 56 -3.91 1.22 -8.02
CA THR A 56 -4.00 -0.16 -8.48
C THR A 56 -4.76 -0.25 -9.81
N LYS A 57 -5.85 0.51 -9.91
CA LYS A 57 -6.65 0.52 -11.13
C LYS A 57 -5.77 0.36 -12.36
N LYS A 58 -4.67 1.10 -12.40
CA LYS A 58 -3.75 1.04 -13.53
C LYS A 58 -2.30 1.03 -13.04
N ASN A 59 -1.44 0.32 -13.77
CA ASN A 59 -0.03 0.23 -13.41
C ASN A 59 0.76 -0.50 -14.50
N GLU A 60 2.07 -0.28 -14.52
CA GLU A 60 2.94 -0.92 -15.50
C GLU A 60 2.58 -2.39 -15.66
N ASN A 61 2.90 -2.95 -16.83
CA ASN A 61 2.61 -4.34 -17.12
C ASN A 61 3.10 -5.25 -15.98
#